data_6B4F
#
_entry.id   6B4F
#
_cell.length_a   164.660
_cell.length_b   69.710
_cell.length_c   93.570
_cell.angle_alpha   90.00
_cell.angle_beta   90.66
_cell.angle_gamma   90.00
#
_symmetry.space_group_name_H-M   'C 1 2 1'
#
loop_
_entity.id
_entity.type
_entity.pdbx_description
1 polymer 'Nucleoporin GLE1'
2 polymer 'Nucleoporin like 2'
3 non-polymer 'PHOSPHATE ION'
4 non-polymer 'CHLORIDE ION'
5 water water
#
loop_
_entity_poly.entity_id
_entity_poly.type
_entity_poly.pdbx_seq_one_letter_code
_entity_poly.pdbx_strand_id
1 'polypeptide(L)'
;MQDITMQWYQQLQDASMQCVLTFEGLTNSKDSQAKKIKMDLQKAATIPVSQISTIAGSKLKEIFDKIHSLLSGKPVQSGG
RSVSVTLNPQGLDFVQYKLAEKFVKQGEEEVASHHEAAFPIAVVASGIWELHPRVGDLILAHLHKKCPYSVPFYPTFKEG
MALEDYQRMLGYQVKDSKVEQQDNFLKRMSGMIRLYAAIIQLRWPYGNRQEIHPHGLNHGWRWLAQILNMEPLSDVTATL
LFDFLEVCGNALMKQYQVQFWKMLILIKEDYFPRIEAITSSGQMGSFIRLKQFLEKCLQHKDIPVPKGFLTSSFWRS
;
B,A
2 'polypeptide(L)' GPSGSIIATDNVLFTPRDKLTVEELEQFQSKKFTLGKIPLKPPPLELLNV C,D
#
# COMPACT_ATOMS: atom_id res chain seq x y z
N ASP A 3 13.24 24.38 12.34
CA ASP A 3 14.59 23.89 12.55
C ASP A 3 14.67 22.40 12.19
N ILE A 4 13.71 21.63 12.72
CA ILE A 4 13.63 20.20 12.39
C ILE A 4 13.50 20.01 10.89
N THR A 5 12.67 20.84 10.23
CA THR A 5 12.43 20.69 8.81
C THR A 5 13.63 21.18 8.00
N MET A 6 14.26 22.28 8.42
CA MET A 6 15.39 22.81 7.67
C MET A 6 16.59 21.88 7.74
N GLN A 7 16.77 21.16 8.85
CA GLN A 7 17.78 20.13 8.90
C GLN A 7 17.48 19.04 7.87
N TRP A 8 16.26 18.50 7.90
CA TRP A 8 15.85 17.50 6.93
C TRP A 8 15.98 18.03 5.51
N TYR A 9 15.67 19.31 5.30
CA TYR A 9 15.86 19.94 4.00
C TYR A 9 17.33 19.89 3.57
N GLN A 10 18.23 20.24 4.49
CA GLN A 10 19.66 20.23 4.16
C GLN A 10 20.16 18.82 3.87
N GLN A 11 19.67 17.83 4.61
CA GLN A 11 20.08 16.45 4.36
C GLN A 11 19.84 16.07 2.91
N LEU A 12 18.58 16.22 2.46
CA LEU A 12 18.25 15.91 1.07
C LEU A 12 19.05 16.78 0.11
N GLN A 13 19.33 18.04 0.48
CA GLN A 13 20.11 18.91 -0.38
C GLN A 13 21.55 18.44 -0.46
N ASP A 14 22.22 18.30 0.69
CA ASP A 14 23.60 17.85 0.69
C ASP A 14 23.70 16.42 0.14
N ALA A 15 22.65 15.62 0.31
CA ALA A 15 22.65 14.27 -0.24
C ALA A 15 22.54 14.28 -1.76
N SER A 16 21.81 15.25 -2.32
CA SER A 16 21.79 15.42 -3.77
C SER A 16 23.12 15.95 -4.28
N MET A 17 23.78 16.81 -3.48
CA MET A 17 25.10 17.29 -3.87
C MET A 17 26.11 16.16 -3.94
N GLN A 18 26.04 15.23 -2.99
CA GLN A 18 26.90 14.04 -3.05
C GLN A 18 26.65 13.24 -4.32
N CYS A 19 25.41 13.26 -4.82
CA CYS A 19 25.13 12.58 -6.08
C CYS A 19 25.76 13.29 -7.26
N VAL A 20 25.82 14.62 -7.22
CA VAL A 20 26.46 15.38 -8.29
C VAL A 20 27.93 14.99 -8.42
N LEU A 21 28.56 14.58 -7.33
CA LEU A 21 29.98 14.21 -7.32
C LEU A 21 30.21 12.73 -7.52
N THR A 22 29.25 11.87 -7.19
CA THR A 22 29.50 10.43 -7.26
C THR A 22 29.70 9.98 -8.71
N PHE A 23 29.04 10.64 -9.66
CA PHE A 23 29.22 10.34 -11.08
C PHE A 23 30.08 11.40 -11.76
N GLU A 24 30.86 12.14 -10.98
CA GLU A 24 31.78 13.11 -11.55
C GLU A 24 32.68 12.43 -12.58
N GLY A 25 32.86 13.11 -13.71
CA GLY A 25 33.63 12.58 -14.81
C GLY A 25 32.77 11.96 -15.89
N LEU A 26 31.54 11.56 -15.55
CA LEU A 26 30.60 11.10 -16.56
C LEU A 26 29.96 12.27 -17.29
N THR A 27 29.81 13.40 -16.61
CA THR A 27 29.37 14.64 -17.23
C THR A 27 30.54 15.51 -17.65
N ASN A 28 31.66 15.40 -16.96
CA ASN A 28 32.89 16.13 -17.27
C ASN A 28 33.77 15.21 -18.11
N SER A 29 33.62 15.30 -19.42
CA SER A 29 34.41 14.49 -20.35
C SER A 29 34.45 15.21 -21.69
N LYS A 30 35.47 14.88 -22.48
CA LYS A 30 35.64 15.42 -23.81
C LYS A 30 35.73 14.34 -24.88
N ASP A 31 35.67 13.06 -24.50
CA ASP A 31 35.71 11.99 -25.49
C ASP A 31 34.42 11.95 -26.29
N SER A 32 34.47 11.21 -27.40
CA SER A 32 33.27 11.02 -28.23
C SER A 32 32.35 9.98 -27.61
N GLN A 33 32.93 8.94 -27.01
CA GLN A 33 32.13 7.91 -26.37
C GLN A 33 31.65 8.33 -24.99
N ALA A 34 32.44 9.11 -24.25
CA ALA A 34 31.99 9.58 -22.94
C ALA A 34 30.77 10.49 -23.08
N LYS A 35 30.72 11.30 -24.14
CA LYS A 35 29.54 12.11 -24.42
C LYS A 35 28.39 11.29 -24.98
N LYS A 36 28.68 10.26 -25.77
CA LYS A 36 27.63 9.44 -26.37
C LYS A 36 26.86 8.66 -25.31
N ILE A 37 27.56 8.18 -24.28
CA ILE A 37 26.88 7.45 -23.21
C ILE A 37 26.03 8.42 -22.39
N LYS A 38 26.61 9.55 -21.99
CA LYS A 38 25.90 10.53 -21.18
C LYS A 38 24.59 10.96 -21.83
N MET A 39 24.63 11.31 -23.12
CA MET A 39 23.42 11.76 -23.80
C MET A 39 22.44 10.60 -23.97
N ASP A 40 22.94 9.41 -24.33
CA ASP A 40 22.05 8.27 -24.54
C ASP A 40 21.32 7.88 -23.26
N LEU A 41 21.97 8.02 -22.10
CA LEU A 41 21.30 7.75 -20.84
C LEU A 41 20.39 8.90 -20.44
N GLN A 42 20.89 10.14 -20.53
CA GLN A 42 20.03 11.30 -20.32
C GLN A 42 18.83 11.26 -21.25
N LYS A 43 18.97 10.67 -22.44
CA LYS A 43 17.88 10.58 -23.39
C LYS A 43 16.91 9.46 -23.02
N ALA A 44 17.43 8.24 -22.80
CA ALA A 44 16.59 7.10 -22.50
C ALA A 44 16.07 7.09 -21.06
N ALA A 45 16.21 8.21 -20.34
CA ALA A 45 15.73 8.31 -18.97
C ALA A 45 14.77 9.48 -18.76
N THR A 46 14.44 10.20 -19.83
CA THR A 46 13.53 11.33 -19.76
C THR A 46 12.43 11.28 -20.81
N ILE A 47 12.60 10.55 -21.91
CA ILE A 47 11.52 10.38 -22.87
C ILE A 47 10.28 9.76 -22.23
N PRO A 48 10.40 8.70 -21.42
CA PRO A 48 9.17 8.08 -20.88
C PRO A 48 8.35 9.06 -20.06
N VAL A 49 9.01 9.90 -19.26
CA VAL A 49 8.28 10.87 -18.45
C VAL A 49 7.62 11.93 -19.32
N SER A 50 8.21 12.24 -20.47
CA SER A 50 7.64 13.26 -21.36
C SER A 50 6.36 12.77 -22.03
N GLN A 51 6.16 11.45 -22.11
CA GLN A 51 4.99 10.87 -22.72
C GLN A 51 3.88 10.60 -21.71
N ILE A 52 4.09 10.95 -20.44
CA ILE A 52 3.12 10.66 -19.39
C ILE A 52 1.81 11.38 -19.63
N SER A 53 1.81 12.41 -20.48
CA SER A 53 0.55 13.08 -20.80
C SER A 53 -0.33 12.10 -21.56
N THR A 54 -1.09 11.29 -20.83
CA THR A 54 -1.77 10.11 -21.35
C THR A 54 -3.27 10.21 -21.16
N ILE A 55 -3.96 9.29 -21.84
CA ILE A 55 -5.41 9.22 -21.88
C ILE A 55 -5.90 7.83 -21.49
N ALA A 56 -5.00 6.90 -21.19
CA ALA A 56 -5.38 5.55 -20.79
C ALA A 56 -4.32 4.96 -19.89
N GLY A 57 -4.77 4.18 -18.90
CA GLY A 57 -3.85 3.49 -18.01
C GLY A 57 -2.99 2.47 -18.74
N SER A 58 -3.51 1.91 -19.84
CA SER A 58 -2.75 0.92 -20.59
C SER A 58 -1.44 1.47 -21.11
N LYS A 59 -1.43 2.74 -21.54
CA LYS A 59 -0.18 3.33 -21.99
C LYS A 59 0.64 3.83 -20.81
N LEU A 60 -0.04 4.22 -19.74
CA LEU A 60 0.68 4.75 -18.59
C LEU A 60 1.50 3.66 -17.92
N LYS A 61 1.08 2.40 -18.05
CA LYS A 61 1.85 1.30 -17.50
C LYS A 61 3.06 0.97 -18.38
N GLU A 62 2.95 1.19 -19.69
CA GLU A 62 4.10 1.00 -20.57
C GLU A 62 5.25 1.88 -20.15
N ILE A 63 4.95 3.14 -19.82
CA ILE A 63 5.97 4.08 -19.38
C ILE A 63 6.54 3.66 -18.02
N PHE A 64 5.67 3.19 -17.12
CA PHE A 64 6.12 2.78 -15.80
C PHE A 64 7.14 1.64 -15.90
N ASP A 65 6.82 0.61 -16.68
CA ASP A 65 7.74 -0.52 -16.83
C ASP A 65 9.00 -0.10 -17.58
N LYS A 66 8.87 0.77 -18.58
CA LYS A 66 10.03 1.23 -19.33
C LYS A 66 11.02 1.93 -18.40
N ILE A 67 10.52 2.67 -17.42
CA ILE A 67 11.40 3.32 -16.45
C ILE A 67 11.96 2.29 -15.47
N HIS A 68 11.11 1.36 -15.01
CA HIS A 68 11.55 0.37 -14.04
C HIS A 68 12.62 -0.54 -14.62
N SER A 69 12.47 -0.92 -15.89
CA SER A 69 13.47 -1.77 -16.54
C SER A 69 14.80 -1.03 -16.65
N LEU A 70 14.77 0.15 -17.28
CA LEU A 70 15.98 0.94 -17.46
C LEU A 70 16.72 1.15 -16.14
N LEU A 71 15.97 1.38 -15.06
CA LEU A 71 16.57 1.74 -13.78
C LEU A 71 16.98 0.52 -12.96
N SER A 72 16.35 -0.63 -13.18
CA SER A 72 16.69 -1.83 -12.42
C SER A 72 17.89 -2.57 -12.98
N GLY A 73 18.30 -2.26 -14.21
CA GLY A 73 19.44 -2.93 -14.84
C GLY A 73 19.08 -3.51 -16.19
N LYS A 74 17.80 -3.80 -16.40
CA LYS A 74 17.34 -4.37 -17.65
C LYS A 74 17.54 -3.38 -18.79
N PRO A 75 17.48 -3.85 -20.04
CA PRO A 75 17.62 -2.96 -21.19
C PRO A 75 16.29 -2.32 -21.59
N VAL A 76 16.40 -1.20 -22.31
CA VAL A 76 15.23 -0.44 -22.74
C VAL A 76 15.48 0.13 -24.14
N GLN A 77 14.39 0.32 -24.87
CA GLN A 77 14.43 0.86 -26.22
C GLN A 77 14.55 2.39 -26.18
N SER A 78 15.58 2.91 -26.84
CA SER A 78 15.76 4.34 -27.05
C SER A 78 15.81 4.61 -28.56
N GLY A 79 16.16 5.83 -28.91
CA GLY A 79 16.17 6.23 -30.32
C GLY A 79 17.23 5.50 -31.13
N GLY A 80 16.79 4.53 -31.93
CA GLY A 80 17.68 3.78 -32.81
C GLY A 80 18.19 2.46 -32.28
N ARG A 81 18.77 2.47 -31.08
CA ARG A 81 19.35 1.28 -30.48
C ARG A 81 18.90 1.16 -29.02
N SER A 82 19.03 -0.05 -28.50
CA SER A 82 18.62 -0.36 -27.13
C SER A 82 19.75 -0.04 -26.16
N VAL A 83 19.38 0.45 -24.97
CA VAL A 83 20.32 0.91 -23.97
C VAL A 83 20.29 -0.02 -22.76
N SER A 84 21.42 -0.11 -22.06
CA SER A 84 21.55 -0.88 -20.83
C SER A 84 22.40 -0.05 -19.86
N VAL A 85 22.51 -0.55 -18.62
CA VAL A 85 23.17 0.22 -17.57
C VAL A 85 24.10 -0.65 -16.74
N THR A 86 24.02 -1.97 -16.90
CA THR A 86 24.87 -2.86 -16.10
C THR A 86 26.34 -2.52 -16.33
N LEU A 87 27.11 -2.53 -15.25
CA LEU A 87 28.50 -2.08 -15.25
C LEU A 87 28.61 -0.65 -15.72
N ASN A 88 27.66 0.18 -15.28
CA ASN A 88 27.70 1.62 -15.48
C ASN A 88 27.38 2.27 -14.14
N PRO A 89 28.23 2.04 -13.13
CA PRO A 89 27.90 2.51 -11.77
C PRO A 89 27.66 4.00 -11.72
N GLN A 90 28.31 4.75 -12.61
CA GLN A 90 28.02 6.17 -12.75
C GLN A 90 26.67 6.37 -13.45
N GLY A 91 26.34 5.50 -14.40
CA GLY A 91 25.07 5.62 -15.10
C GLY A 91 23.86 5.37 -14.21
N LEU A 92 23.97 4.43 -13.27
CA LEU A 92 22.86 4.18 -12.35
C LEU A 92 22.59 5.40 -11.47
N ASP A 93 23.63 5.90 -10.79
CA ASP A 93 23.47 7.10 -9.99
C ASP A 93 23.20 8.33 -10.84
N PHE A 94 23.59 8.31 -12.11
CA PHE A 94 23.34 9.44 -13.00
C PHE A 94 21.90 9.45 -13.49
N VAL A 95 21.32 8.28 -13.74
CA VAL A 95 19.96 8.22 -14.28
C VAL A 95 18.94 8.58 -13.21
N GLN A 96 19.19 8.17 -11.96
CA GLN A 96 18.29 8.53 -10.88
C GLN A 96 18.21 10.04 -10.72
N TYR A 97 19.31 10.75 -11.00
CA TYR A 97 19.32 12.20 -10.91
C TYR A 97 18.53 12.82 -12.05
N LYS A 98 18.80 12.39 -13.28
CA LYS A 98 18.10 12.97 -14.42
C LYS A 98 16.62 12.59 -14.44
N LEU A 99 16.29 11.38 -13.98
CA LEU A 99 14.88 11.02 -13.87
C LEU A 99 14.18 11.87 -12.83
N ALA A 100 14.79 12.01 -11.64
CA ALA A 100 14.17 12.77 -10.56
C ALA A 100 13.94 14.23 -10.97
N GLU A 101 14.86 14.80 -11.75
CA GLU A 101 14.68 16.18 -12.19
C GLU A 101 13.63 16.30 -13.28
N LYS A 102 13.52 15.29 -14.15
CA LYS A 102 12.50 15.33 -15.20
C LYS A 102 11.10 15.26 -14.61
N PHE A 103 10.93 14.53 -13.52
CA PHE A 103 9.64 14.52 -12.83
C PHE A 103 9.26 15.91 -12.36
N VAL A 104 10.23 16.70 -11.90
CA VAL A 104 9.96 18.05 -11.43
C VAL A 104 9.83 19.00 -12.60
N LYS A 105 10.65 18.82 -13.64
CA LYS A 105 10.56 19.65 -14.84
C LYS A 105 9.18 19.56 -15.48
N GLN A 106 8.57 18.37 -15.47
CA GLN A 106 7.23 18.24 -16.01
C GLN A 106 6.20 18.96 -15.14
N GLY A 107 6.35 18.88 -13.82
CA GLY A 107 5.52 19.69 -12.96
C GLY A 107 5.78 21.17 -13.11
N GLU A 108 6.86 21.55 -13.79
CA GLU A 108 7.28 22.92 -13.96
C GLU A 108 6.89 23.51 -15.32
N GLU A 109 6.87 22.69 -16.37
CA GLU A 109 6.59 23.18 -17.72
C GLU A 109 5.47 22.40 -18.40
N GLU A 110 4.65 21.69 -17.62
CA GLU A 110 3.48 21.00 -18.15
C GLU A 110 2.30 21.12 -17.20
N VAL A 111 2.54 20.88 -15.90
CA VAL A 111 1.46 21.02 -14.93
C VAL A 111 1.12 22.49 -14.71
N ALA A 112 2.10 23.39 -14.86
CA ALA A 112 1.83 24.82 -14.73
C ALA A 112 0.87 25.27 -15.81
N SER A 113 1.08 24.83 -17.05
CA SER A 113 0.21 25.22 -18.16
C SER A 113 -1.11 24.45 -18.13
N HIS A 114 -1.07 23.18 -17.73
CA HIS A 114 -2.24 22.31 -17.75
C HIS A 114 -2.30 21.54 -16.43
N HIS A 115 -3.21 21.96 -15.54
CA HIS A 115 -3.25 21.42 -14.18
C HIS A 115 -3.64 19.95 -14.14
N GLU A 116 -4.31 19.44 -15.18
CA GLU A 116 -4.80 18.06 -15.12
C GLU A 116 -3.66 17.05 -15.17
N ALA A 117 -2.52 17.41 -15.73
CA ALA A 117 -1.46 16.44 -15.96
C ALA A 117 -0.72 16.04 -14.68
N ALA A 118 -1.10 16.58 -13.52
CA ALA A 118 -0.36 16.28 -12.29
C ALA A 118 -0.55 14.83 -11.86
N PHE A 119 -1.73 14.27 -12.11
CA PHE A 119 -2.11 12.99 -11.54
C PHE A 119 -1.44 11.82 -12.27
N PRO A 120 -1.47 11.77 -13.60
CA PRO A 120 -0.73 10.70 -14.29
C PRO A 120 0.76 10.77 -14.01
N ILE A 121 1.31 11.95 -13.76
CA ILE A 121 2.71 12.07 -13.41
C ILE A 121 2.95 11.69 -11.95
N ALA A 122 1.96 11.92 -11.08
CA ALA A 122 2.13 11.63 -9.66
C ALA A 122 2.11 10.13 -9.38
N VAL A 123 1.17 9.40 -10.00
CA VAL A 123 1.09 7.95 -9.77
C VAL A 123 2.37 7.27 -10.22
N VAL A 124 2.92 7.70 -11.37
CA VAL A 124 4.14 7.09 -11.89
C VAL A 124 5.33 7.46 -11.01
N ALA A 125 5.40 8.72 -10.57
CA ALA A 125 6.46 9.12 -9.65
C ALA A 125 6.31 8.42 -8.32
N SER A 126 5.08 8.11 -7.91
CA SER A 126 4.84 7.49 -6.61
C SER A 126 5.22 6.01 -6.60
N GLY A 127 5.07 5.32 -7.73
CA GLY A 127 5.42 3.91 -7.79
C GLY A 127 6.90 3.70 -7.90
N ILE A 128 7.59 4.59 -8.63
CA ILE A 128 9.04 4.51 -8.75
C ILE A 128 9.71 4.89 -7.44
N TRP A 129 9.19 5.92 -6.77
CA TRP A 129 9.62 6.23 -5.41
C TRP A 129 9.44 5.02 -4.50
N GLU A 130 8.33 4.29 -4.66
CA GLU A 130 8.06 3.13 -3.82
C GLU A 130 9.08 2.01 -4.09
N LEU A 131 9.39 1.75 -5.36
CA LEU A 131 10.33 0.70 -5.73
C LEU A 131 11.78 1.13 -5.56
N HIS A 132 12.07 2.43 -5.61
CA HIS A 132 13.44 2.95 -5.55
C HIS A 132 13.45 4.19 -4.69
N PRO A 133 13.55 4.03 -3.35
CA PRO A 133 13.46 5.21 -2.47
C PRO A 133 14.55 6.22 -2.71
N ARG A 134 15.66 5.83 -3.34
CA ARG A 134 16.70 6.79 -3.68
C ARG A 134 16.21 7.78 -4.73
N VAL A 135 15.46 7.30 -5.72
CA VAL A 135 14.90 8.19 -6.72
C VAL A 135 13.96 9.20 -6.06
N GLY A 136 13.29 8.80 -4.99
CA GLY A 136 12.36 9.70 -4.34
C GLY A 136 13.06 10.78 -3.55
N ASP A 137 14.17 10.44 -2.89
CA ASP A 137 14.94 11.46 -2.19
C ASP A 137 15.55 12.46 -3.16
N LEU A 138 15.90 12.00 -4.37
CA LEU A 138 16.35 12.93 -5.40
C LEU A 138 15.19 13.77 -5.93
N ILE A 139 13.97 13.24 -5.91
CA ILE A 139 12.80 14.03 -6.32
C ILE A 139 12.55 15.14 -5.31
N LEU A 140 12.70 14.85 -4.01
CA LEU A 140 12.52 15.88 -3.00
C LEU A 140 13.64 16.91 -3.06
N ALA A 141 14.84 16.49 -3.43
CA ALA A 141 15.96 17.42 -3.50
C ALA A 141 15.72 18.50 -4.54
N HIS A 142 15.38 18.11 -5.76
CA HIS A 142 15.14 19.09 -6.82
C HIS A 142 13.86 19.87 -6.54
N LEU A 143 12.79 19.16 -6.21
CA LEU A 143 11.54 19.82 -5.84
C LEU A 143 11.76 20.90 -4.79
N HIS A 144 12.59 20.60 -3.78
CA HIS A 144 12.80 21.54 -2.69
C HIS A 144 13.57 22.77 -3.14
N LYS A 145 14.65 22.59 -3.89
CA LYS A 145 15.45 23.74 -4.30
C LYS A 145 14.72 24.57 -5.34
N LYS A 146 14.24 23.93 -6.41
CA LYS A 146 13.49 24.65 -7.44
C LYS A 146 12.27 25.34 -6.86
N CYS A 147 11.64 24.73 -5.86
CA CYS A 147 10.44 25.28 -5.22
C CYS A 147 10.59 25.14 -3.70
N PRO A 148 11.27 26.11 -3.07
CA PRO A 148 11.43 26.04 -1.60
C PRO A 148 10.14 26.19 -0.85
N TYR A 149 9.10 26.72 -1.49
CA TYR A 149 7.80 26.89 -0.86
C TYR A 149 7.10 25.56 -0.64
N SER A 150 7.65 24.47 -1.19
CA SER A 150 7.12 23.13 -1.00
C SER A 150 7.70 22.43 0.22
N VAL A 151 8.76 22.98 0.82
CA VAL A 151 9.33 22.37 2.02
C VAL A 151 8.32 22.28 3.16
N PRO A 152 7.65 23.37 3.57
CA PRO A 152 7.74 24.74 3.06
C PRO A 152 8.68 25.61 3.87
N PHE A 153 9.38 26.52 3.19
CA PHE A 153 10.17 27.54 3.87
C PHE A 153 10.31 28.71 2.92
N TYR A 154 10.12 29.92 3.46
CA TYR A 154 10.23 31.15 2.67
C TYR A 154 11.69 31.62 2.71
N PRO A 155 12.40 31.64 1.58
CA PRO A 155 13.78 32.14 1.60
C PRO A 155 13.83 33.59 2.09
N THR A 156 14.86 33.88 2.87
CA THR A 156 14.98 35.14 3.59
C THR A 156 15.89 36.10 2.83
N PHE A 157 15.63 37.39 3.02
CA PHE A 157 16.45 38.43 2.42
C PHE A 157 17.86 38.35 2.99
N LYS A 158 18.85 38.19 2.12
CA LYS A 158 20.22 37.92 2.55
C LYS A 158 21.12 39.10 2.25
N GLU A 159 21.94 39.46 3.23
CA GLU A 159 23.05 40.38 3.06
C GLU A 159 24.33 39.57 2.95
N GLY A 160 25.25 40.01 2.10
CA GLY A 160 26.50 39.32 1.90
C GLY A 160 26.54 38.44 0.68
N MET A 161 25.38 38.19 0.06
CA MET A 161 25.28 37.41 -1.16
C MET A 161 24.68 38.28 -2.25
N ALA A 162 25.05 37.98 -3.51
CA ALA A 162 24.56 38.76 -4.64
C ALA A 162 23.05 38.63 -4.75
N LEU A 163 22.45 39.60 -5.45
CA LEU A 163 21.00 39.58 -5.62
C LEU A 163 20.56 38.44 -6.53
N GLU A 164 21.29 38.21 -7.64
CA GLU A 164 20.93 37.12 -8.53
C GLU A 164 20.96 35.78 -7.81
N ASP A 165 21.99 35.56 -6.98
CA ASP A 165 22.02 34.36 -6.16
C ASP A 165 20.82 34.28 -5.24
N TYR A 166 20.33 35.43 -4.75
CA TYR A 166 19.15 35.44 -3.91
C TYR A 166 17.88 35.23 -4.72
N GLN A 167 17.80 35.79 -5.93
CA GLN A 167 16.66 35.53 -6.79
C GLN A 167 16.63 34.08 -7.22
N ARG A 168 17.80 33.44 -7.32
CA ARG A 168 17.87 32.00 -7.55
C ARG A 168 17.28 31.23 -6.39
N MET A 169 17.57 31.67 -5.16
CA MET A 169 16.98 31.03 -3.97
C MET A 169 15.46 31.02 -4.05
N LEU A 170 14.85 32.15 -4.43
CA LEU A 170 13.40 32.23 -4.53
C LEU A 170 12.81 31.34 -5.61
N GLY A 171 13.63 30.69 -6.44
CA GLY A 171 13.13 29.84 -7.49
C GLY A 171 12.90 30.54 -8.81
N TYR A 172 13.21 31.82 -8.90
CA TYR A 172 13.06 32.56 -10.14
C TYR A 172 14.04 32.04 -11.21
N GLN A 173 13.51 31.79 -12.40
CA GLN A 173 14.34 31.39 -13.53
C GLN A 173 15.12 32.60 -14.03
N VAL A 174 16.45 32.46 -14.10
CA VAL A 174 17.32 33.58 -14.49
C VAL A 174 18.18 33.15 -15.67
N LYS A 175 18.13 33.95 -16.73
CA LYS A 175 19.14 33.91 -17.79
C LYS A 175 20.40 34.62 -17.32
N ASP A 176 21.47 34.50 -18.11
CA ASP A 176 22.72 35.17 -17.76
C ASP A 176 22.52 36.67 -17.53
N SER A 177 21.58 37.27 -18.25
CA SER A 177 21.33 38.71 -18.15
C SER A 177 20.29 39.06 -17.09
N LYS A 178 19.14 38.37 -17.11
CA LYS A 178 17.96 38.85 -16.40
C LYS A 178 17.13 37.69 -15.87
N VAL A 179 16.23 38.05 -14.93
CA VAL A 179 15.32 37.11 -14.29
C VAL A 179 14.00 37.06 -15.06
N GLU A 180 13.28 35.94 -14.89
CA GLU A 180 11.94 35.81 -15.46
C GLU A 180 10.95 36.67 -14.68
N GLN A 181 9.82 36.96 -15.32
CA GLN A 181 8.75 37.72 -14.69
C GLN A 181 8.14 37.00 -13.50
N GLN A 182 7.13 37.60 -12.87
CA GLN A 182 6.46 36.97 -11.74
C GLN A 182 5.33 36.06 -12.18
N ASP A 183 4.59 36.43 -13.23
CA ASP A 183 3.48 35.59 -13.67
C ASP A 183 3.98 34.24 -14.15
N ASN A 184 5.07 34.21 -14.91
CA ASN A 184 5.66 32.95 -15.34
C ASN A 184 6.29 32.19 -14.18
N PHE A 185 6.69 32.89 -13.13
CA PHE A 185 7.29 32.24 -11.97
C PHE A 185 6.23 31.68 -11.03
N LEU A 186 5.14 32.41 -10.81
CA LEU A 186 4.06 31.91 -9.96
C LEU A 186 3.39 30.68 -10.55
N LYS A 187 3.29 30.62 -11.88
CA LYS A 187 2.70 29.46 -12.54
C LYS A 187 3.61 28.25 -12.42
N ARG A 188 4.92 28.45 -12.60
CA ARG A 188 5.88 27.36 -12.42
C ARG A 188 5.83 26.82 -11.00
N MET A 189 5.66 27.70 -10.02
CA MET A 189 5.60 27.26 -8.62
C MET A 189 4.30 26.51 -8.35
N SER A 190 3.18 27.01 -8.88
CA SER A 190 1.91 26.30 -8.72
C SER A 190 2.05 24.86 -9.21
N GLY A 191 2.35 24.68 -10.49
CA GLY A 191 2.46 23.35 -11.05
C GLY A 191 3.35 22.43 -10.24
N MET A 192 4.35 23.00 -9.57
CA MET A 192 5.28 22.15 -8.82
C MET A 192 4.64 21.63 -7.53
N ILE A 193 3.74 22.40 -6.91
CA ILE A 193 3.09 21.91 -5.70
C ILE A 193 1.79 21.17 -6.01
N ARG A 194 1.15 21.45 -7.15
CA ARG A 194 0.04 20.59 -7.57
C ARG A 194 0.52 19.18 -7.86
N LEU A 195 1.71 19.06 -8.48
CA LEU A 195 2.30 17.74 -8.65
C LEU A 195 2.62 17.11 -7.31
N TYR A 196 3.22 17.88 -6.40
CA TYR A 196 3.55 17.36 -5.08
C TYR A 196 2.29 17.04 -4.28
N ALA A 197 1.27 17.90 -4.39
CA ALA A 197 0.00 17.61 -3.74
C ALA A 197 -0.68 16.38 -4.33
N ALA A 198 -0.33 16.01 -5.57
CA ALA A 198 -0.85 14.79 -6.16
C ALA A 198 -0.06 13.57 -5.74
N ILE A 199 1.24 13.71 -5.52
CA ILE A 199 2.07 12.56 -5.17
C ILE A 199 1.66 11.99 -3.82
N ILE A 200 1.42 12.87 -2.84
CA ILE A 200 1.22 12.40 -1.47
C ILE A 200 -0.14 11.76 -1.24
N GLN A 201 -1.02 11.73 -2.25
CA GLN A 201 -2.33 11.11 -2.13
C GLN A 201 -2.55 9.92 -3.04
N LEU A 202 -1.83 9.81 -4.15
CA LEU A 202 -2.03 8.72 -5.10
C LEU A 202 -0.99 7.62 -4.87
N ARG A 203 -1.39 6.39 -5.19
CA ARG A 203 -0.51 5.24 -5.05
C ARG A 203 -0.61 4.38 -6.29
N TRP A 204 0.52 3.92 -6.78
CA TRP A 204 0.52 3.09 -7.97
C TRP A 204 -0.26 1.81 -7.68
N PRO A 205 -1.31 1.48 -8.45
CA PRO A 205 -2.18 0.37 -8.06
C PRO A 205 -1.52 -1.00 -8.20
N TYR A 206 -0.92 -1.25 -9.35
CA TYR A 206 -0.42 -2.58 -9.68
C TYR A 206 0.94 -2.83 -9.04
N GLY A 207 1.21 -4.09 -8.71
CA GLY A 207 2.46 -4.51 -8.12
C GLY A 207 2.34 -5.20 -6.77
N ASN A 208 1.20 -5.05 -6.08
CA ASN A 208 0.99 -5.68 -4.78
C ASN A 208 2.03 -5.26 -3.75
N ARG A 209 1.92 -4.02 -3.25
CA ARG A 209 2.90 -3.44 -2.35
C ARG A 209 2.46 -3.63 -0.90
N GLN A 210 3.29 -4.33 -0.12
CA GLN A 210 2.96 -4.58 1.27
C GLN A 210 3.03 -3.32 2.12
N GLU A 211 3.91 -2.39 1.76
CA GLU A 211 4.35 -1.34 2.67
C GLU A 211 3.44 -0.11 2.58
N ILE A 212 3.91 0.99 3.16
CA ILE A 212 3.14 2.23 3.29
C ILE A 212 3.44 3.10 2.07
N HIS A 213 2.66 4.17 1.90
CA HIS A 213 2.98 5.15 0.87
C HIS A 213 4.39 5.68 1.09
N PRO A 214 5.20 5.85 0.03
CA PRO A 214 6.57 6.35 0.22
C PRO A 214 6.62 7.72 0.87
N HIS A 215 5.96 8.71 0.27
CA HIS A 215 5.81 10.04 0.86
C HIS A 215 4.32 10.25 1.15
N GLY A 216 3.92 9.84 2.34
CA GLY A 216 2.51 9.72 2.64
C GLY A 216 1.76 11.04 2.65
N LEU A 217 0.45 10.91 2.82
CA LEU A 217 -0.44 12.06 2.90
C LEU A 217 -0.25 12.84 4.19
N ASN A 218 0.54 12.33 5.13
CA ASN A 218 0.84 13.09 6.34
C ASN A 218 1.63 14.36 6.02
N HIS A 219 2.55 14.29 5.06
CA HIS A 219 3.31 15.47 4.67
C HIS A 219 2.42 16.57 4.11
N GLY A 220 1.19 16.24 3.74
CA GLY A 220 0.25 17.26 3.32
C GLY A 220 -0.35 18.01 4.48
N TRP A 221 -0.54 17.34 5.61
CA TRP A 221 -1.04 18.01 6.80
C TRP A 221 -0.03 19.00 7.34
N ARG A 222 1.24 18.59 7.48
CA ARG A 222 2.23 19.48 8.05
C ARG A 222 2.43 20.69 7.14
N TRP A 223 2.47 20.48 5.83
CA TRP A 223 2.68 21.58 4.90
C TRP A 223 1.66 22.67 5.12
N LEU A 224 0.38 22.31 5.17
CA LEU A 224 -0.65 23.29 5.49
C LEU A 224 -0.43 23.87 6.87
N ALA A 225 -0.09 23.04 7.84
CA ALA A 225 0.15 23.55 9.18
C ALA A 225 1.36 24.46 9.21
N GLN A 226 2.38 24.14 8.42
CA GLN A 226 3.66 24.83 8.51
C GLN A 226 3.68 26.16 7.77
N ILE A 227 2.77 26.39 6.83
CA ILE A 227 2.67 27.71 6.19
C ILE A 227 1.62 28.58 6.86
N LEU A 228 0.65 27.99 7.55
CA LEU A 228 -0.41 28.75 8.22
C LEU A 228 -0.01 29.21 9.60
N ASN A 229 1.07 28.68 10.17
CA ASN A 229 1.62 29.17 11.42
C ASN A 229 2.70 30.22 11.19
N MET A 230 2.90 30.65 9.95
CA MET A 230 3.84 31.71 9.61
C MET A 230 3.13 32.75 8.77
N GLU A 231 3.68 33.96 8.79
CA GLU A 231 3.02 35.09 8.13
C GLU A 231 2.98 34.88 6.62
N PRO A 232 1.85 35.17 5.96
CA PRO A 232 1.75 34.90 4.53
C PRO A 232 2.47 35.95 3.70
N LEU A 233 3.01 35.51 2.57
CA LEU A 233 3.51 36.41 1.55
C LEU A 233 2.35 36.95 0.72
N SER A 234 2.61 38.06 0.03
CA SER A 234 1.54 38.87 -0.54
C SER A 234 0.69 38.07 -1.53
N ASP A 235 1.34 37.52 -2.56
CA ASP A 235 0.64 36.83 -3.64
C ASP A 235 0.94 35.35 -3.71
N VAL A 236 2.16 34.96 -3.35
CA VAL A 236 2.56 33.56 -3.45
C VAL A 236 1.68 32.68 -2.57
N THR A 237 1.60 33.01 -1.28
CA THR A 237 0.94 32.13 -0.32
C THR A 237 -0.51 31.88 -0.71
N ALA A 238 -1.26 32.96 -0.97
CA ALA A 238 -2.67 32.79 -1.31
C ALA A 238 -2.84 31.99 -2.59
N THR A 239 -1.87 32.07 -3.50
CA THR A 239 -1.93 31.26 -4.72
C THR A 239 -1.64 29.80 -4.42
N LEU A 240 -0.46 29.53 -3.88
CA LEU A 240 -0.05 28.16 -3.61
C LEU A 240 -0.96 27.48 -2.60
N LEU A 241 -1.52 28.24 -1.67
CA LEU A 241 -2.44 27.65 -0.71
C LEU A 241 -3.70 27.13 -1.40
N PHE A 242 -4.26 27.92 -2.32
CA PHE A 242 -5.47 27.51 -3.03
C PHE A 242 -5.21 26.27 -3.87
N ASP A 243 -4.27 26.36 -4.80
CA ASP A 243 -4.05 25.24 -5.72
C ASP A 243 -3.45 24.02 -5.02
N PHE A 244 -3.15 24.10 -3.72
CA PHE A 244 -2.83 22.91 -2.95
C PHE A 244 -4.08 22.25 -2.40
N LEU A 245 -5.00 23.05 -1.84
CA LEU A 245 -6.22 22.51 -1.27
C LEU A 245 -7.12 21.92 -2.35
N GLU A 246 -7.15 22.53 -3.53
CA GLU A 246 -7.97 22.00 -4.62
C GLU A 246 -7.50 20.62 -5.05
N VAL A 247 -6.20 20.36 -4.97
CA VAL A 247 -5.64 19.08 -5.43
C VAL A 247 -5.69 18.02 -4.33
N CYS A 248 -5.45 18.41 -3.07
CA CYS A 248 -5.33 17.45 -1.98
C CYS A 248 -6.32 17.70 -0.86
N GLY A 249 -7.26 18.64 -1.03
CA GLY A 249 -8.24 18.87 0.00
C GLY A 249 -9.21 17.72 0.19
N ASN A 250 -9.55 17.03 -0.89
CA ASN A 250 -10.47 15.90 -0.79
C ASN A 250 -9.84 14.75 0.00
N ALA A 251 -8.61 14.35 -0.38
CA ALA A 251 -7.96 13.25 0.31
C ALA A 251 -7.66 13.60 1.76
N LEU A 252 -7.46 14.87 2.07
CA LEU A 252 -7.20 15.29 3.45
C LEU A 252 -8.48 15.35 4.26
N MET A 253 -9.61 15.67 3.62
CA MET A 253 -10.89 15.64 4.32
C MET A 253 -11.22 14.21 4.75
N LYS A 254 -11.03 13.25 3.85
CA LYS A 254 -11.37 11.87 4.17
C LYS A 254 -10.45 11.30 5.24
N GLN A 255 -9.14 11.58 5.14
CA GLN A 255 -8.19 11.00 6.08
C GLN A 255 -8.28 11.66 7.45
N TYR A 256 -8.38 12.99 7.48
CA TYR A 256 -8.48 13.78 8.72
C TYR A 256 -9.84 14.47 8.67
N GLN A 257 -10.85 13.82 9.24
CA GLN A 257 -12.23 14.25 9.05
C GLN A 257 -12.48 15.63 9.67
N VAL A 258 -12.49 15.71 11.00
CA VAL A 258 -12.85 16.96 11.65
C VAL A 258 -11.65 17.88 11.79
N GLN A 259 -10.45 17.32 11.95
CA GLN A 259 -9.27 18.14 12.19
C GLN A 259 -8.94 19.00 10.98
N PHE A 260 -9.33 18.53 9.79
CA PHE A 260 -9.15 19.32 8.58
C PHE A 260 -10.18 20.45 8.51
N TRP A 261 -11.42 20.17 8.90
CA TRP A 261 -12.43 21.23 8.89
C TRP A 261 -12.07 22.32 9.89
N LYS A 262 -11.55 21.93 11.07
CA LYS A 262 -11.05 22.93 12.00
C LYS A 262 -9.95 23.77 11.37
N MET A 263 -9.07 23.14 10.60
CA MET A 263 -8.05 23.88 9.88
C MET A 263 -8.63 24.76 8.79
N LEU A 264 -9.82 24.43 8.27
CA LEU A 264 -10.44 25.24 7.23
C LEU A 264 -11.29 26.38 7.79
N ILE A 265 -11.92 26.19 8.95
CA ILE A 265 -12.67 27.27 9.58
C ILE A 265 -11.73 28.24 10.31
N LEU A 266 -10.42 28.02 10.22
CA LEU A 266 -9.42 28.90 10.80
C LEU A 266 -8.85 29.86 9.76
N ILE A 267 -8.45 29.33 8.60
CA ILE A 267 -7.95 30.20 7.54
C ILE A 267 -9.03 31.17 7.09
N LYS A 268 -10.29 30.74 7.10
CA LYS A 268 -11.40 31.64 6.76
C LYS A 268 -11.56 32.74 7.80
N GLU A 269 -11.41 32.39 9.08
CA GLU A 269 -11.67 33.33 10.17
C GLU A 269 -10.44 34.13 10.58
N ASP A 270 -9.26 33.51 10.60
CA ASP A 270 -8.05 34.11 11.13
C ASP A 270 -7.01 34.42 10.04
N TYR A 271 -6.73 33.49 9.15
CA TYR A 271 -5.68 33.70 8.15
C TYR A 271 -6.12 34.58 7.00
N PHE A 272 -7.42 34.66 6.71
CA PHE A 272 -7.87 35.58 5.68
C PHE A 272 -7.65 37.03 6.09
N PRO A 273 -8.05 37.46 7.30
CA PRO A 273 -7.66 38.81 7.74
C PRO A 273 -6.16 39.04 7.72
N ARG A 274 -5.37 37.99 7.94
CA ARG A 274 -3.91 38.16 7.92
C ARG A 274 -3.43 38.61 6.56
N ILE A 275 -4.06 38.11 5.49
CA ILE A 275 -3.63 38.43 4.14
C ILE A 275 -4.14 39.80 3.69
N GLU A 276 -5.27 40.27 4.23
CA GLU A 276 -5.84 41.53 3.77
C GLU A 276 -4.89 42.71 4.03
N ALA A 277 -4.17 42.68 5.15
CA ALA A 277 -3.27 43.77 5.48
C ALA A 277 -2.02 43.72 4.62
N ILE A 278 -1.50 42.53 4.34
CA ILE A 278 -0.20 42.40 3.67
C ILE A 278 -0.27 42.63 2.17
N THR A 279 -1.45 42.47 1.56
CA THR A 279 -1.56 42.52 0.11
C THR A 279 -2.23 43.83 -0.30
N SER A 280 -1.60 44.53 -1.25
CA SER A 280 -2.17 45.73 -1.81
C SER A 280 -3.36 45.38 -2.71
N SER A 281 -4.20 46.37 -2.98
CA SER A 281 -5.34 46.15 -3.86
C SER A 281 -4.90 45.72 -5.26
N GLY A 282 -3.64 45.94 -5.61
CA GLY A 282 -3.14 45.60 -6.93
C GLY A 282 -2.93 44.11 -7.16
N GLN A 283 -2.83 43.33 -6.08
CA GLN A 283 -2.50 41.91 -6.17
C GLN A 283 -3.44 41.06 -5.33
N MET A 284 -4.73 41.39 -5.33
CA MET A 284 -5.71 40.60 -4.61
C MET A 284 -6.30 39.45 -5.42
N GLY A 285 -5.88 39.29 -6.69
CA GLY A 285 -6.46 38.26 -7.53
C GLY A 285 -6.33 36.86 -6.95
N SER A 286 -5.23 36.60 -6.23
CA SER A 286 -5.03 35.28 -5.63
C SER A 286 -5.95 35.08 -4.44
N PHE A 287 -5.98 36.07 -3.53
CA PHE A 287 -6.74 35.90 -2.30
C PHE A 287 -8.24 35.79 -2.57
N ILE A 288 -8.72 36.42 -3.64
CA ILE A 288 -10.15 36.37 -3.95
C ILE A 288 -10.53 34.97 -4.43
N ARG A 289 -9.66 34.32 -5.20
CA ARG A 289 -9.95 32.96 -5.65
C ARG A 289 -9.77 31.97 -4.51
N LEU A 290 -8.91 32.29 -3.54
CA LEU A 290 -8.81 31.47 -2.34
C LEU A 290 -10.11 31.51 -1.55
N LYS A 291 -10.84 32.63 -1.61
CA LYS A 291 -12.07 32.78 -0.85
C LYS A 291 -13.25 32.14 -1.58
N GLN A 292 -13.36 32.37 -2.90
CA GLN A 292 -14.40 31.70 -3.67
C GLN A 292 -14.29 30.19 -3.53
N PHE A 293 -13.06 29.67 -3.43
CA PHE A 293 -12.89 28.23 -3.34
C PHE A 293 -13.42 27.68 -2.02
N LEU A 294 -13.27 28.43 -0.92
CA LEU A 294 -13.72 27.92 0.37
C LEU A 294 -15.22 28.05 0.53
N GLU A 295 -15.76 29.27 0.31
CA GLU A 295 -17.18 29.54 0.48
C GLU A 295 -18.03 28.41 -0.08
N LYS A 296 -17.67 27.89 -1.25
CA LYS A 296 -18.31 26.70 -1.78
C LYS A 296 -18.09 25.52 -0.84
N CYS A 297 -16.82 25.18 -0.58
CA CYS A 297 -16.50 23.99 0.20
C CYS A 297 -17.09 24.05 1.61
N LEU A 298 -17.07 25.24 2.22
CA LEU A 298 -17.51 25.36 3.61
C LEU A 298 -18.99 25.07 3.75
N GLN A 299 -19.82 25.66 2.87
CA GLN A 299 -21.25 25.41 2.94
C GLN A 299 -21.64 24.08 2.30
N HIS A 300 -20.89 23.63 1.29
CA HIS A 300 -21.15 22.32 0.70
C HIS A 300 -20.71 21.18 1.61
N LYS A 301 -19.89 21.45 2.62
CA LYS A 301 -19.38 20.43 3.53
C LYS A 301 -18.58 19.38 2.78
N ASP A 302 -18.02 19.74 1.62
CA ASP A 302 -17.26 18.82 0.80
C ASP A 302 -16.33 19.62 -0.09
N ILE A 303 -15.16 19.05 -0.36
CA ILE A 303 -14.19 19.63 -1.28
C ILE A 303 -14.25 18.85 -2.59
N PRO A 304 -14.53 19.49 -3.73
CA PRO A 304 -14.63 18.74 -4.99
C PRO A 304 -13.39 17.91 -5.26
N VAL A 305 -13.59 16.78 -5.94
CA VAL A 305 -12.45 15.98 -6.42
C VAL A 305 -11.69 16.81 -7.44
N PRO A 306 -10.35 16.79 -7.44
CA PRO A 306 -9.60 17.60 -8.41
C PRO A 306 -9.99 17.27 -9.84
N LYS A 307 -10.24 18.30 -10.64
CA LYS A 307 -10.57 18.11 -12.04
C LYS A 307 -9.38 17.47 -12.77
N GLY A 308 -9.57 16.26 -13.27
CA GLY A 308 -8.50 15.48 -13.87
C GLY A 308 -8.10 14.25 -13.10
N PHE A 309 -8.74 14.01 -11.95
CA PHE A 309 -8.46 12.80 -11.17
C PHE A 309 -8.67 11.57 -12.04
N LEU A 310 -7.85 10.55 -11.81
CA LEU A 310 -7.94 9.32 -12.58
C LEU A 310 -9.14 8.51 -12.10
N THR A 311 -9.94 8.03 -13.05
CA THR A 311 -11.16 7.29 -12.78
C THR A 311 -11.00 5.83 -13.20
N SER A 312 -12.04 5.04 -12.93
CA SER A 312 -12.00 3.62 -13.27
C SER A 312 -11.93 3.42 -14.78
N SER A 313 -12.70 4.22 -15.54
CA SER A 313 -12.64 4.15 -16.99
C SER A 313 -11.22 4.36 -17.51
N PHE A 314 -10.43 5.18 -16.81
CA PHE A 314 -9.06 5.42 -17.27
C PHE A 314 -8.21 4.18 -17.09
N TRP A 315 -8.38 3.47 -15.98
CA TRP A 315 -7.53 2.32 -15.68
C TRP A 315 -7.90 1.09 -16.49
N ARG A 316 -9.04 1.11 -17.18
CA ARG A 316 -9.40 0.03 -18.11
C ARG A 316 -8.94 0.34 -19.52
N SER A 317 -8.94 1.61 -19.90
CA SER A 317 -8.50 2.02 -21.22
C SER A 317 -7.07 1.55 -21.46
N GLN B 2 3.53 -22.94 21.05
CA GLN B 2 2.69 -22.10 20.20
C GLN B 2 1.60 -21.42 21.00
N ASP B 3 1.89 -21.16 22.28
CA ASP B 3 0.94 -20.46 23.14
C ASP B 3 0.58 -19.10 22.55
N ILE B 4 1.59 -18.36 22.07
CA ILE B 4 1.35 -17.05 21.45
C ILE B 4 0.34 -17.16 20.33
N THR B 5 0.45 -18.19 19.49
CA THR B 5 -0.48 -18.32 18.37
C THR B 5 -1.85 -18.80 18.84
N MET B 6 -1.88 -19.73 19.79
CA MET B 6 -3.16 -20.26 20.26
C MET B 6 -3.95 -19.22 21.03
N GLN B 7 -3.27 -18.33 21.75
CA GLN B 7 -3.96 -17.21 22.38
C GLN B 7 -4.63 -16.33 21.33
N TRP B 8 -3.86 -15.89 20.34
CA TRP B 8 -4.42 -15.12 19.24
C TRP B 8 -5.51 -15.90 18.51
N TYR B 9 -5.30 -17.21 18.36
CA TYR B 9 -6.33 -18.06 17.75
C TYR B 9 -7.62 -18.02 18.56
N GLN B 10 -7.50 -18.12 19.89
CA GLN B 10 -8.68 -18.09 20.75
C GLN B 10 -9.39 -16.75 20.67
N GLN B 11 -8.61 -15.66 20.63
CA GLN B 11 -9.20 -14.32 20.56
C GLN B 11 -10.16 -14.22 19.38
N LEU B 12 -9.66 -14.52 18.17
CA LEU B 12 -10.52 -14.46 16.99
C LEU B 12 -11.69 -15.42 17.11
N GLN B 13 -11.48 -16.57 17.75
CA GLN B 13 -12.56 -17.55 17.89
C GLN B 13 -13.64 -17.05 18.85
N ASP B 14 -13.27 -16.76 20.10
CA ASP B 14 -14.27 -16.29 21.06
C ASP B 14 -14.82 -14.92 20.68
N ALA B 15 -14.03 -14.10 19.97
CA ALA B 15 -14.53 -12.80 19.52
C ALA B 15 -15.57 -12.95 18.42
N SER B 16 -15.42 -13.95 17.56
CA SER B 16 -16.49 -14.27 16.61
C SER B 16 -17.70 -14.85 17.31
N MET B 17 -17.47 -15.61 18.39
CA MET B 17 -18.57 -16.14 19.20
C MET B 17 -19.37 -15.00 19.84
N GLN B 18 -18.69 -13.93 20.25
CA GLN B 18 -19.43 -12.76 20.72
C GLN B 18 -20.32 -12.21 19.62
N CYS B 19 -19.90 -12.33 18.35
CA CYS B 19 -20.75 -11.92 17.25
C CYS B 19 -21.93 -12.88 17.09
N VAL B 20 -21.71 -14.17 17.38
CA VAL B 20 -22.80 -15.14 17.36
C VAL B 20 -23.89 -14.73 18.35
N LEU B 21 -23.51 -13.96 19.37
CA LEU B 21 -24.45 -13.54 20.41
C LEU B 21 -25.09 -12.20 20.10
N THR B 22 -24.42 -11.35 19.30
CA THR B 22 -24.91 -9.99 19.07
C THR B 22 -26.18 -9.95 18.22
N PHE B 23 -26.31 -10.86 17.25
CA PHE B 23 -27.48 -10.87 16.38
C PHE B 23 -28.40 -12.07 16.61
N GLU B 24 -28.34 -12.71 17.79
CA GLU B 24 -29.26 -13.81 18.05
C GLU B 24 -30.71 -13.41 17.85
N GLY B 25 -31.02 -12.11 17.89
CA GLY B 25 -32.37 -11.66 17.64
C GLY B 25 -32.79 -11.81 16.18
N LEU B 26 -31.82 -11.93 15.27
CA LEU B 26 -32.11 -12.17 13.87
C LEU B 26 -32.46 -13.64 13.58
N THR B 27 -31.99 -14.57 14.42
CA THR B 27 -32.33 -15.99 14.29
C THR B 27 -33.79 -16.24 13.94
N ASP B 31 -41.07 -13.46 13.08
CA ASP B 31 -42.00 -12.62 12.32
C ASP B 31 -42.02 -13.05 10.85
N SER B 32 -43.01 -12.57 10.11
CA SER B 32 -43.11 -12.89 8.69
C SER B 32 -42.14 -12.04 7.86
N GLN B 33 -42.04 -10.74 8.15
CA GLN B 33 -41.14 -9.87 7.41
C GLN B 33 -39.71 -9.93 7.94
N ALA B 34 -39.53 -10.17 9.24
CA ALA B 34 -38.18 -10.27 9.79
C ALA B 34 -37.40 -11.41 9.14
N LYS B 35 -38.08 -12.49 8.74
CA LYS B 35 -37.42 -13.56 8.01
C LYS B 35 -37.06 -13.11 6.59
N LYS B 36 -37.88 -12.24 6.00
CA LYS B 36 -37.58 -11.74 4.66
C LYS B 36 -36.32 -10.89 4.67
N ILE B 37 -36.09 -10.14 5.75
CA ILE B 37 -34.90 -9.31 5.85
C ILE B 37 -33.65 -10.17 5.97
N LYS B 38 -33.69 -11.16 6.87
CA LYS B 38 -32.54 -12.03 7.07
C LYS B 38 -32.09 -12.67 5.77
N MET B 39 -33.05 -13.17 4.98
CA MET B 39 -32.72 -13.76 3.69
C MET B 39 -32.18 -12.71 2.73
N ASP B 40 -32.78 -11.51 2.73
CA ASP B 40 -32.36 -10.47 1.81
C ASP B 40 -30.92 -10.03 2.07
N LEU B 41 -30.47 -10.04 3.32
CA LEU B 41 -29.08 -9.72 3.62
C LEU B 41 -28.17 -10.91 3.33
N GLN B 42 -28.53 -12.10 3.83
CA GLN B 42 -27.77 -13.29 3.51
C GLN B 42 -27.67 -13.50 2.00
N LYS B 43 -28.69 -13.06 1.25
CA LYS B 43 -28.68 -13.22 -0.20
C LYS B 43 -27.82 -12.16 -0.86
N ALA B 44 -28.06 -10.88 -0.54
CA ALA B 44 -27.34 -9.77 -1.13
C ALA B 44 -25.93 -9.61 -0.57
N ALA B 45 -25.44 -10.60 0.18
CA ALA B 45 -24.09 -10.57 0.73
C ALA B 45 -23.26 -11.78 0.37
N THR B 46 -23.79 -12.71 -0.43
CA THR B 46 -23.06 -13.90 -0.83
C THR B 46 -23.10 -14.15 -2.33
N ILE B 47 -24.11 -13.65 -3.05
CA ILE B 47 -24.09 -13.74 -4.51
C ILE B 47 -22.88 -13.03 -5.09
N PRO B 48 -22.55 -11.80 -4.67
CA PRO B 48 -21.43 -11.09 -5.31
C PRO B 48 -20.11 -11.84 -5.23
N VAL B 49 -19.84 -12.49 -4.11
CA VAL B 49 -18.59 -13.23 -3.96
C VAL B 49 -18.58 -14.44 -4.88
N SER B 50 -19.75 -15.00 -5.20
CA SER B 50 -19.82 -16.15 -6.07
C SER B 50 -19.54 -15.81 -7.53
N GLN B 51 -19.67 -14.54 -7.92
CA GLN B 51 -19.43 -14.12 -9.30
C GLN B 51 -17.99 -13.65 -9.54
N ILE B 52 -17.14 -13.64 -8.52
CA ILE B 52 -15.81 -13.09 -8.68
C ILE B 52 -14.97 -13.94 -9.63
N SER B 53 -15.23 -15.24 -9.67
CA SER B 53 -14.51 -16.17 -10.54
C SER B 53 -14.94 -16.09 -12.00
N THR B 54 -16.08 -15.46 -12.31
CA THR B 54 -16.72 -15.60 -13.60
C THR B 54 -16.86 -14.26 -14.32
N ILE B 55 -16.03 -13.28 -13.97
CA ILE B 55 -16.15 -11.91 -14.46
C ILE B 55 -14.82 -11.47 -15.06
N ALA B 56 -14.88 -10.38 -15.82
CA ALA B 56 -13.70 -9.77 -16.40
C ALA B 56 -13.13 -8.78 -15.40
N GLY B 57 -11.80 -8.67 -15.39
CA GLY B 57 -11.17 -7.78 -14.42
C GLY B 57 -11.61 -6.34 -14.57
N SER B 58 -11.95 -5.92 -15.80
CA SER B 58 -12.46 -4.58 -16.00
C SER B 58 -13.75 -4.36 -15.23
N LYS B 59 -14.58 -5.39 -15.14
CA LYS B 59 -15.84 -5.37 -14.41
C LYS B 59 -15.70 -5.76 -12.94
N LEU B 60 -14.58 -6.40 -12.55
CA LEU B 60 -14.44 -6.87 -11.17
C LEU B 60 -14.56 -5.75 -10.13
N LYS B 61 -14.35 -4.49 -10.52
CA LYS B 61 -14.51 -3.41 -9.57
C LYS B 61 -15.97 -3.20 -9.19
N GLU B 62 -16.89 -3.58 -10.08
CA GLU B 62 -18.32 -3.47 -9.77
C GLU B 62 -18.68 -4.27 -8.52
N ILE B 63 -18.17 -5.48 -8.40
CA ILE B 63 -18.49 -6.31 -7.23
C ILE B 63 -17.85 -5.73 -5.97
N PHE B 64 -16.62 -5.22 -6.08
CA PHE B 64 -15.95 -4.65 -4.92
C PHE B 64 -16.75 -3.48 -4.37
N ASP B 65 -17.18 -2.57 -5.24
CA ASP B 65 -17.96 -1.43 -4.78
C ASP B 65 -19.31 -1.88 -4.25
N LYS B 66 -19.93 -2.86 -4.93
CA LYS B 66 -21.22 -3.37 -4.46
C LYS B 66 -21.11 -3.97 -3.07
N ILE B 67 -19.99 -4.64 -2.77
CA ILE B 67 -19.78 -5.13 -1.42
C ILE B 67 -19.47 -3.98 -0.49
N HIS B 68 -18.63 -3.05 -0.93
CA HIS B 68 -18.27 -1.90 -0.11
C HIS B 68 -19.48 -1.02 0.17
N SER B 69 -20.34 -0.84 -0.83
CA SER B 69 -21.52 -0.01 -0.64
C SER B 69 -22.46 -0.65 0.38
N LEU B 70 -22.88 -1.89 0.13
CA LEU B 70 -23.78 -2.58 1.04
C LEU B 70 -23.24 -2.55 2.46
N LEU B 71 -21.92 -2.72 2.59
CA LEU B 71 -21.32 -2.87 3.91
C LEU B 71 -21.03 -1.54 4.58
N SER B 72 -20.85 -0.47 3.80
CA SER B 72 -20.56 0.84 4.36
C SER B 72 -21.83 1.59 4.78
N GLY B 73 -23.00 1.12 4.36
CA GLY B 73 -24.25 1.76 4.69
C GLY B 73 -25.07 2.08 3.46
N LYS B 74 -24.39 2.21 2.33
CA LYS B 74 -25.08 2.53 1.09
C LYS B 74 -25.98 1.38 0.65
N PRO B 75 -26.94 1.65 -0.25
CA PRO B 75 -27.81 0.59 -0.75
C PRO B 75 -27.21 -0.13 -1.94
N VAL B 76 -27.75 -1.33 -2.18
CA VAL B 76 -27.30 -2.20 -3.27
C VAL B 76 -28.52 -2.88 -3.88
N GLN B 77 -28.42 -3.18 -5.17
CA GLN B 77 -29.51 -3.85 -5.88
C GLN B 77 -29.44 -5.34 -5.63
N SER B 78 -30.49 -5.89 -5.03
CA SER B 78 -30.67 -7.33 -4.88
C SER B 78 -32.01 -7.71 -5.49
N GLY B 79 -31.99 -8.34 -6.65
CA GLY B 79 -33.23 -8.65 -7.36
C GLY B 79 -33.86 -7.41 -7.95
N GLY B 80 -35.09 -7.11 -7.54
CA GLY B 80 -35.80 -5.94 -8.02
C GLY B 80 -35.75 -4.77 -7.05
N ARG B 81 -36.09 -5.04 -5.79
CA ARG B 81 -36.11 -3.99 -4.79
C ARG B 81 -34.70 -3.73 -4.26
N SER B 82 -34.50 -2.53 -3.73
CA SER B 82 -33.20 -2.13 -3.20
C SER B 82 -33.10 -2.50 -1.73
N VAL B 83 -31.91 -2.95 -1.33
CA VAL B 83 -31.63 -3.38 0.04
C VAL B 83 -30.62 -2.41 0.64
N SER B 84 -30.72 -2.20 1.95
CA SER B 84 -29.80 -1.33 2.68
C SER B 84 -29.52 -1.93 4.05
N VAL B 85 -28.60 -1.28 4.77
CA VAL B 85 -28.13 -1.72 6.08
C VAL B 85 -28.13 -0.53 7.02
N THR B 86 -28.34 0.66 6.49
CA THR B 86 -28.33 1.86 7.31
C THR B 86 -29.38 1.75 8.41
N LEU B 87 -28.99 2.12 9.63
CA LEU B 87 -29.84 1.96 10.80
C LEU B 87 -30.30 0.52 10.96
N ASN B 88 -29.39 -0.41 10.68
CA ASN B 88 -29.65 -1.85 10.82
C ASN B 88 -28.48 -2.50 11.55
N PRO B 89 -28.28 -2.14 12.83
CA PRO B 89 -27.06 -2.60 13.53
C PRO B 89 -26.89 -4.10 13.59
N GLN B 90 -27.97 -4.88 13.68
CA GLN B 90 -27.81 -6.33 13.59
C GLN B 90 -27.60 -6.78 12.15
N GLY B 91 -28.23 -6.10 11.18
CA GLY B 91 -27.99 -6.43 9.80
C GLY B 91 -26.55 -6.15 9.39
N LEU B 92 -25.97 -5.09 9.94
CA LEU B 92 -24.56 -4.79 9.70
C LEU B 92 -23.66 -5.89 10.27
N ASP B 93 -23.87 -6.23 11.55
CA ASP B 93 -23.11 -7.32 12.14
C ASP B 93 -23.45 -8.67 11.52
N PHE B 94 -24.64 -8.80 10.93
CA PHE B 94 -25.03 -10.05 10.29
C PHE B 94 -24.36 -10.21 8.93
N VAL B 95 -24.20 -9.12 8.19
CA VAL B 95 -23.63 -9.21 6.86
C VAL B 95 -22.13 -9.48 6.93
N GLN B 96 -21.44 -8.88 7.92
CA GLN B 96 -20.02 -9.13 8.08
C GLN B 96 -19.74 -10.61 8.36
N TYR B 97 -20.64 -11.27 9.08
CA TYR B 97 -20.42 -12.68 9.39
C TYR B 97 -20.61 -13.55 8.16
N LYS B 98 -21.73 -13.36 7.45
CA LYS B 98 -22.00 -14.19 6.28
C LYS B 98 -21.04 -13.87 5.14
N LEU B 99 -20.61 -12.61 5.03
CA LEU B 99 -19.63 -12.24 4.02
C LEU B 99 -18.30 -12.93 4.29
N ALA B 100 -17.83 -12.85 5.54
CA ALA B 100 -16.55 -13.47 5.87
C ALA B 100 -16.57 -14.97 5.63
N GLU B 101 -17.71 -15.62 5.91
CA GLU B 101 -17.79 -17.07 5.71
C GLU B 101 -17.95 -17.42 4.23
N LYS B 102 -18.63 -16.58 3.45
CA LYS B 102 -18.77 -16.87 2.04
C LYS B 102 -17.42 -16.79 1.33
N PHE B 103 -16.55 -15.89 1.77
CA PHE B 103 -15.19 -15.86 1.24
C PHE B 103 -14.49 -17.18 1.51
N VAL B 104 -14.75 -17.79 2.67
CA VAL B 104 -14.10 -19.05 3.00
C VAL B 104 -14.79 -20.22 2.30
N LYS B 105 -16.13 -20.19 2.22
CA LYS B 105 -16.83 -21.25 1.51
C LYS B 105 -16.41 -21.31 0.05
N GLN B 106 -16.14 -20.14 -0.56
CA GLN B 106 -15.70 -20.12 -1.94
C GLN B 106 -14.31 -20.74 -2.08
N GLY B 107 -13.42 -20.45 -1.13
CA GLY B 107 -12.16 -21.17 -1.06
C GLY B 107 -12.30 -22.64 -0.74
N GLU B 108 -13.50 -23.05 -0.32
CA GLU B 108 -13.78 -24.41 0.10
C GLU B 108 -14.46 -25.24 -0.97
N GLU B 109 -15.30 -24.61 -1.81
CA GLU B 109 -16.08 -25.32 -2.82
C GLU B 109 -15.88 -24.76 -4.22
N GLU B 110 -14.82 -23.98 -4.44
CA GLU B 110 -14.49 -23.50 -5.78
C GLU B 110 -12.99 -23.50 -5.99
N VAL B 111 -12.23 -22.98 -5.01
CA VAL B 111 -10.78 -23.00 -5.12
C VAL B 111 -10.26 -24.41 -5.00
N ALA B 112 -10.96 -25.26 -4.25
CA ALA B 112 -10.58 -26.67 -4.16
C ALA B 112 -10.69 -27.34 -5.52
N SER B 113 -11.77 -27.05 -6.26
CA SER B 113 -11.97 -27.64 -7.57
C SER B 113 -11.11 -26.97 -8.64
N HIS B 114 -10.91 -25.65 -8.53
CA HIS B 114 -10.19 -24.87 -9.54
C HIS B 114 -9.21 -23.94 -8.83
N HIS B 115 -7.92 -24.27 -8.89
CA HIS B 115 -6.92 -23.53 -8.13
C HIS B 115 -6.74 -22.10 -8.63
N GLU B 116 -7.08 -21.81 -9.89
CA GLU B 116 -6.84 -20.48 -10.44
C GLU B 116 -7.74 -19.43 -9.80
N ALA B 117 -8.90 -19.84 -9.27
CA ALA B 117 -9.86 -18.87 -8.76
C ALA B 117 -9.46 -18.27 -7.42
N ALA B 118 -8.31 -18.66 -6.85
CA ALA B 118 -7.92 -18.13 -5.55
C ALA B 118 -7.55 -16.66 -5.62
N PHE B 119 -6.96 -16.24 -6.72
CA PHE B 119 -6.36 -14.91 -6.82
C PHE B 119 -7.43 -13.84 -7.05
N PRO B 120 -8.36 -14.02 -7.99
CA PRO B 120 -9.43 -13.02 -8.11
C PRO B 120 -10.29 -12.91 -6.87
N ILE B 121 -10.42 -13.99 -6.10
CA ILE B 121 -11.15 -13.92 -4.83
C ILE B 121 -10.29 -13.31 -3.74
N ALA B 122 -8.98 -13.49 -3.79
CA ALA B 122 -8.11 -12.99 -2.74
C ALA B 122 -8.01 -11.48 -2.78
N VAL B 123 -7.86 -10.90 -3.98
CA VAL B 123 -7.72 -9.44 -4.09
C VAL B 123 -8.95 -8.75 -3.52
N VAL B 124 -10.13 -9.30 -3.80
CA VAL B 124 -11.36 -8.69 -3.32
C VAL B 124 -11.48 -8.84 -1.81
N ALA B 125 -11.11 -10.01 -1.29
CA ALA B 125 -11.08 -10.19 0.15
C ALA B 125 -10.02 -9.32 0.81
N SER B 126 -8.93 -9.05 0.10
CA SER B 126 -7.85 -8.25 0.67
C SER B 126 -8.21 -6.77 0.72
N GLY B 127 -9.00 -6.30 -0.24
CA GLY B 127 -9.40 -4.90 -0.27
C GLY B 127 -10.51 -4.59 0.72
N ILE B 128 -11.43 -5.52 0.90
CA ILE B 128 -12.51 -5.35 1.88
C ILE B 128 -11.96 -5.46 3.29
N TRP B 129 -11.06 -6.42 3.53
CA TRP B 129 -10.35 -6.49 4.80
C TRP B 129 -9.64 -5.16 5.08
N GLU B 130 -9.06 -4.56 4.03
CA GLU B 130 -8.33 -3.31 4.19
C GLU B 130 -9.26 -2.18 4.62
N LEU B 131 -10.44 -2.10 4.01
CA LEU B 131 -11.38 -1.04 4.34
C LEU B 131 -12.18 -1.33 5.61
N HIS B 132 -12.32 -2.59 5.99
CA HIS B 132 -13.17 -3.00 7.12
C HIS B 132 -12.48 -4.11 7.89
N PRO B 133 -11.58 -3.76 8.81
CA PRO B 133 -10.78 -4.80 9.49
C PRO B 133 -11.60 -5.78 10.30
N ARG B 134 -12.82 -5.42 10.71
CA ARG B 134 -13.65 -6.37 11.44
C ARG B 134 -14.04 -7.55 10.57
N VAL B 135 -14.32 -7.29 9.29
CA VAL B 135 -14.63 -8.37 8.35
C VAL B 135 -13.43 -9.30 8.24
N GLY B 136 -12.22 -8.77 8.36
CA GLY B 136 -11.04 -9.59 8.22
C GLY B 136 -10.83 -10.51 9.41
N ASP B 137 -11.11 -10.02 10.61
CA ASP B 137 -11.00 -10.88 11.78
C ASP B 137 -12.04 -11.99 11.73
N LEU B 138 -13.21 -11.71 11.15
CA LEU B 138 -14.19 -12.76 10.92
C LEU B 138 -13.74 -13.70 9.81
N ILE B 139 -12.98 -13.19 8.83
CA ILE B 139 -12.43 -14.06 7.80
C ILE B 139 -11.42 -15.02 8.39
N LEU B 140 -10.60 -14.55 9.33
CA LEU B 140 -9.66 -15.43 10.00
C LEU B 140 -10.37 -16.38 10.95
N ALA B 141 -11.48 -15.95 11.55
CA ALA B 141 -12.20 -16.81 12.50
C ALA B 141 -12.71 -18.07 11.82
N HIS B 142 -13.43 -17.91 10.71
CA HIS B 142 -13.98 -19.06 10.01
C HIS B 142 -12.87 -19.90 9.37
N LEU B 143 -11.94 -19.23 8.69
CA LEU B 143 -10.78 -19.91 8.14
C LEU B 143 -10.09 -20.77 9.18
N HIS B 144 -9.98 -20.25 10.41
CA HIS B 144 -9.29 -20.99 11.47
C HIS B 144 -10.08 -22.22 11.89
N LYS B 145 -11.40 -22.05 12.10
CA LYS B 145 -12.21 -23.17 12.56
C LYS B 145 -12.38 -24.22 11.47
N LYS B 146 -12.85 -23.81 10.29
CA LYS B 146 -12.99 -24.74 9.18
C LYS B 146 -11.67 -25.37 8.78
N CYS B 147 -10.56 -24.64 8.93
CA CYS B 147 -9.23 -25.13 8.56
C CYS B 147 -8.24 -24.78 9.65
N PRO B 148 -8.11 -25.64 10.67
CA PRO B 148 -7.12 -25.36 11.73
C PRO B 148 -5.69 -25.44 11.25
N TYR B 149 -5.44 -26.09 10.11
CA TYR B 149 -4.08 -26.19 9.57
C TYR B 149 -3.58 -24.86 9.02
N SER B 150 -4.46 -23.86 8.93
CA SER B 150 -4.06 -22.52 8.51
C SER B 150 -3.65 -21.63 9.67
N VAL B 151 -3.92 -22.05 10.91
CA VAL B 151 -3.53 -21.25 12.07
C VAL B 151 -2.02 -21.04 12.13
N PRO B 152 -1.17 -22.08 12.07
CA PRO B 152 -1.45 -23.52 11.98
C PRO B 152 -1.44 -24.22 13.33
N PHE B 153 -2.30 -25.21 13.52
CA PHE B 153 -2.25 -26.05 14.71
C PHE B 153 -2.88 -27.40 14.40
N TYR B 154 -2.20 -28.47 14.79
CA TYR B 154 -2.70 -29.83 14.60
C TYR B 154 -3.52 -30.23 15.82
N PRO B 155 -4.85 -30.35 15.73
CA PRO B 155 -5.63 -30.80 16.89
C PRO B 155 -5.29 -32.24 17.25
N THR B 156 -5.24 -32.53 18.55
CA THR B 156 -4.83 -33.82 19.05
C THR B 156 -6.06 -34.65 19.44
N PHE B 157 -5.95 -35.97 19.26
CA PHE B 157 -7.01 -36.87 19.68
C PHE B 157 -7.06 -36.91 21.21
N LYS B 158 -8.22 -36.57 21.77
CA LYS B 158 -8.42 -36.40 23.20
C LYS B 158 -9.36 -37.47 23.74
N GLU B 159 -9.12 -37.87 24.98
CA GLU B 159 -10.04 -38.76 25.70
C GLU B 159 -11.07 -37.93 26.45
N GLY B 160 -12.29 -38.45 26.52
CA GLY B 160 -13.40 -37.78 27.18
C GLY B 160 -14.40 -37.13 26.24
N MET B 161 -14.07 -36.99 24.96
CA MET B 161 -14.99 -36.47 23.97
C MET B 161 -15.19 -37.51 22.86
N ALA B 162 -16.37 -37.45 22.23
CA ALA B 162 -16.70 -38.40 21.19
C ALA B 162 -15.75 -38.28 20.01
N LEU B 163 -15.69 -39.35 19.21
CA LEU B 163 -14.80 -39.36 18.05
C LEU B 163 -15.31 -38.42 16.96
N GLU B 164 -16.62 -38.40 16.73
CA GLU B 164 -17.18 -37.55 15.68
C GLU B 164 -16.88 -36.08 15.94
N ASP B 165 -17.03 -35.63 17.20
CA ASP B 165 -16.70 -34.26 17.55
C ASP B 165 -15.23 -33.95 17.28
N TYR B 166 -14.34 -34.93 17.44
CA TYR B 166 -12.93 -34.71 17.17
C TYR B 166 -12.66 -34.63 15.68
N GLN B 167 -13.37 -35.43 14.89
CA GLN B 167 -13.19 -35.37 13.44
C GLN B 167 -13.63 -34.02 12.86
N ARG B 168 -14.64 -33.37 13.46
CA ARG B 168 -15.02 -32.05 12.98
C ARG B 168 -13.92 -31.04 13.23
N MET B 169 -13.25 -31.11 14.39
CA MET B 169 -12.14 -30.21 14.66
C MET B 169 -11.09 -30.29 13.56
N LEU B 170 -10.78 -31.50 13.11
CA LEU B 170 -9.83 -31.68 12.01
C LEU B 170 -10.31 -31.05 10.72
N GLY B 171 -11.54 -30.54 10.68
CA GLY B 171 -12.09 -29.93 9.49
C GLY B 171 -12.87 -30.85 8.60
N TYR B 172 -13.06 -32.11 8.99
CA TYR B 172 -13.86 -33.03 8.19
C TYR B 172 -15.30 -32.56 8.15
N GLN B 173 -15.84 -32.45 6.94
CA GLN B 173 -17.25 -32.10 6.76
C GLN B 173 -18.08 -33.34 7.08
N VAL B 174 -18.99 -33.22 8.03
CA VAL B 174 -19.82 -34.35 8.43
C VAL B 174 -21.28 -33.93 8.35
N LYS B 175 -22.08 -34.71 7.64
CA LYS B 175 -23.52 -34.62 7.79
C LYS B 175 -23.87 -35.26 9.13
N ASP B 176 -25.12 -35.11 9.55
CA ASP B 176 -25.53 -35.78 10.78
C ASP B 176 -25.26 -37.28 10.74
N SER B 177 -25.16 -37.86 9.54
CA SER B 177 -25.02 -39.31 9.41
C SER B 177 -23.56 -39.76 9.54
N LYS B 178 -22.66 -39.22 8.71
CA LYS B 178 -21.32 -39.78 8.58
C LYS B 178 -20.34 -38.67 8.25
N VAL B 179 -19.04 -39.01 8.30
CA VAL B 179 -17.97 -38.06 8.01
C VAL B 179 -17.69 -38.09 6.51
N GLU B 180 -17.18 -36.97 6.00
CA GLU B 180 -16.77 -36.89 4.61
C GLU B 180 -15.49 -37.69 4.39
N GLN B 181 -15.25 -38.05 3.13
CA GLN B 181 -14.07 -38.80 2.73
C GLN B 181 -12.80 -38.02 3.03
N GLN B 182 -11.65 -38.63 2.78
CA GLN B 182 -10.36 -37.96 2.99
C GLN B 182 -9.89 -37.22 1.73
N ASP B 183 -10.13 -37.81 0.55
CA ASP B 183 -9.67 -37.19 -0.68
C ASP B 183 -10.38 -35.87 -0.92
N ASN B 184 -11.71 -35.83 -0.72
CA ASN B 184 -12.46 -34.60 -0.85
C ASN B 184 -12.15 -33.62 0.27
N PHE B 185 -11.65 -34.12 1.40
CA PHE B 185 -11.29 -33.27 2.54
C PHE B 185 -9.94 -32.62 2.29
N LEU B 186 -8.99 -33.35 1.70
CA LEU B 186 -7.72 -32.76 1.37
C LEU B 186 -7.89 -31.65 0.32
N LYS B 187 -8.85 -31.81 -0.60
CA LYS B 187 -9.10 -30.73 -1.56
C LYS B 187 -9.69 -29.51 -0.87
N ARG B 188 -10.64 -29.71 0.04
CA ARG B 188 -11.22 -28.59 0.77
C ARG B 188 -10.14 -27.85 1.55
N MET B 189 -9.20 -28.58 2.14
CA MET B 189 -8.14 -27.95 2.92
C MET B 189 -7.14 -27.23 2.01
N SER B 190 -6.79 -27.85 0.89
CA SER B 190 -5.93 -27.18 -0.07
C SER B 190 -6.53 -25.85 -0.49
N GLY B 191 -7.69 -25.89 -1.14
CA GLY B 191 -8.31 -24.68 -1.65
C GLY B 191 -8.44 -23.58 -0.62
N MET B 192 -8.55 -23.94 0.65
CA MET B 192 -8.73 -22.92 1.68
C MET B 192 -7.43 -22.18 1.96
N ILE B 193 -6.29 -22.87 1.88
CA ILE B 193 -5.01 -22.20 2.15
C ILE B 193 -4.38 -21.63 0.87
N ARG B 194 -4.73 -22.16 -0.30
CA ARG B 194 -4.35 -21.47 -1.52
C ARG B 194 -5.01 -20.10 -1.57
N LEU B 195 -6.27 -20.02 -1.11
CA LEU B 195 -6.94 -18.73 -0.98
C LEU B 195 -6.22 -17.86 0.04
N TYR B 196 -5.89 -18.44 1.20
CA TYR B 196 -5.20 -17.68 2.24
C TYR B 196 -3.79 -17.30 1.80
N ALA B 197 -3.09 -18.21 1.12
CA ALA B 197 -1.76 -17.92 0.60
C ALA B 197 -1.80 -16.86 -0.49
N ALA B 198 -2.93 -16.68 -1.17
CA ALA B 198 -3.07 -15.61 -2.13
C ALA B 198 -3.44 -14.28 -1.46
N ILE B 199 -4.18 -14.34 -0.36
CA ILE B 199 -4.61 -13.12 0.32
C ILE B 199 -3.41 -12.38 0.88
N ILE B 200 -2.45 -13.11 1.46
CA ILE B 200 -1.32 -12.47 2.15
C ILE B 200 -0.30 -11.89 1.20
N GLN B 201 -0.48 -12.05 -0.12
CA GLN B 201 0.44 -11.49 -1.11
C GLN B 201 -0.18 -10.47 -2.04
N LEU B 202 -1.50 -10.48 -2.24
CA LEU B 202 -2.16 -9.58 -3.17
C LEU B 202 -2.76 -8.38 -2.44
N ARG B 203 -2.84 -7.26 -3.15
CA ARG B 203 -3.38 -6.01 -2.63
C ARG B 203 -4.32 -5.39 -3.64
N TRP B 204 -5.48 -4.93 -3.16
CA TRP B 204 -6.44 -4.28 -4.02
C TRP B 204 -5.81 -3.02 -4.62
N PRO B 205 -5.76 -2.88 -5.95
CA PRO B 205 -4.99 -1.77 -6.53
C PRO B 205 -5.65 -0.41 -6.34
N TYR B 206 -6.94 -0.34 -6.64
CA TYR B 206 -7.64 0.93 -6.68
C TYR B 206 -8.05 1.38 -5.28
N GLY B 207 -8.15 2.69 -5.11
CA GLY B 207 -8.56 3.31 -3.86
C GLY B 207 -7.54 4.25 -3.25
N ASN B 208 -6.27 4.17 -3.67
CA ASN B 208 -5.22 5.02 -3.12
C ASN B 208 -5.10 4.83 -1.61
N ARG B 209 -4.55 3.67 -1.25
CA ARG B 209 -4.44 3.26 0.14
C ARG B 209 -3.05 3.63 0.66
N GLN B 210 -3.02 4.47 1.69
CA GLN B 210 -1.75 4.88 2.28
C GLN B 210 -1.12 3.78 3.10
N GLU B 211 -1.93 2.93 3.74
CA GLU B 211 -1.48 2.12 4.86
C GLU B 211 -0.92 0.77 4.39
N ILE B 212 -0.71 -0.13 5.35
CA ILE B 212 -0.02 -1.40 5.12
C ILE B 212 -1.04 -2.45 4.72
N HIS B 213 -0.56 -3.59 4.25
CA HIS B 213 -1.43 -4.73 3.98
C HIS B 213 -2.17 -5.12 5.26
N PRO B 214 -3.48 -5.42 5.19
CA PRO B 214 -4.22 -5.80 6.41
C PRO B 214 -3.65 -7.04 7.07
N HIS B 215 -3.54 -8.14 6.33
CA HIS B 215 -2.89 -9.36 6.80
C HIS B 215 -1.67 -9.57 5.91
N GLY B 216 -0.55 -8.98 6.31
CA GLY B 216 0.61 -8.88 5.45
C GLY B 216 1.28 -10.21 5.16
N LEU B 217 2.27 -10.15 4.28
CA LEU B 217 3.06 -11.30 3.89
C LEU B 217 3.93 -11.82 5.02
N ASN B 218 4.02 -11.09 6.13
CA ASN B 218 4.76 -11.58 7.29
C ASN B 218 4.12 -12.85 7.84
N HIS B 219 2.79 -12.92 7.85
CA HIS B 219 2.10 -14.11 8.33
C HIS B 219 2.40 -15.33 7.47
N GLY B 220 2.91 -15.14 6.25
CA GLY B 220 3.28 -16.27 5.42
C GLY B 220 4.60 -16.89 5.81
N TRP B 221 5.54 -16.08 6.28
CA TRP B 221 6.83 -16.61 6.72
C TRP B 221 6.66 -17.46 7.98
N ARG B 222 5.96 -16.94 8.97
CA ARG B 222 5.80 -17.66 10.23
C ARG B 222 5.04 -18.97 10.02
N TRP B 223 4.01 -18.96 9.17
CA TRP B 223 3.25 -20.18 8.93
C TRP B 223 4.14 -21.31 8.46
N LEU B 224 4.99 -21.06 7.46
CA LEU B 224 5.95 -22.06 7.03
C LEU B 224 6.90 -22.43 8.16
N ALA B 225 7.38 -21.44 8.91
CA ALA B 225 8.25 -21.73 10.04
C ALA B 225 7.52 -22.53 11.11
N GLN B 226 6.23 -22.24 11.32
CA GLN B 226 5.50 -22.82 12.44
C GLN B 226 5.02 -24.23 12.18
N ILE B 227 4.92 -24.66 10.92
CA ILE B 227 4.56 -26.04 10.61
C ILE B 227 5.79 -26.91 10.42
N LEU B 228 6.94 -26.33 10.10
CA LEU B 228 8.18 -27.09 9.93
C LEU B 228 8.95 -27.27 11.23
N ASN B 229 8.59 -26.55 12.29
CA ASN B 229 9.17 -26.74 13.61
C ASN B 229 8.37 -27.72 14.45
N MET B 230 7.37 -28.37 13.88
CA MET B 230 6.59 -29.41 14.54
C MET B 230 6.55 -30.65 13.66
N GLU B 231 6.31 -31.79 14.29
CA GLU B 231 6.34 -33.05 13.57
C GLU B 231 5.22 -33.08 12.53
N PRO B 232 5.49 -33.52 11.31
CA PRO B 232 4.47 -33.46 10.26
C PRO B 232 3.44 -34.57 10.39
N LEU B 233 2.21 -34.23 9.99
CA LEU B 233 1.19 -35.23 9.79
C LEU B 233 1.42 -35.95 8.46
N SER B 234 0.85 -37.15 8.36
CA SER B 234 1.26 -38.09 7.31
C SER B 234 1.05 -37.51 5.92
N ASP B 235 -0.19 -37.11 5.61
CA ASP B 235 -0.55 -36.69 4.26
C ASP B 235 -0.91 -35.23 4.14
N VAL B 236 -1.54 -34.65 5.17
CA VAL B 236 -1.97 -33.25 5.10
C VAL B 236 -0.77 -32.33 4.90
N THR B 237 0.24 -32.46 5.76
CA THR B 237 1.34 -31.49 5.77
C THR B 237 2.05 -31.45 4.42
N ALA B 238 2.41 -32.60 3.87
CA ALA B 238 3.12 -32.62 2.60
C ALA B 238 2.28 -32.02 1.46
N THR B 239 0.96 -32.15 1.53
CA THR B 239 0.10 -31.55 0.53
C THR B 239 0.01 -30.03 0.72
N LEU B 240 -0.44 -29.60 1.90
CA LEU B 240 -0.66 -28.18 2.14
C LEU B 240 0.62 -27.38 2.00
N LEU B 241 1.76 -27.98 2.30
CA LEU B 241 3.02 -27.27 2.13
C LEU B 241 3.28 -26.97 0.65
N PHE B 242 3.01 -27.94 -0.23
CA PHE B 242 3.23 -27.74 -1.66
C PHE B 242 2.34 -26.63 -2.20
N ASP B 243 1.02 -26.80 -2.07
CA ASP B 243 0.10 -25.83 -2.66
C ASP B 243 0.15 -24.48 -1.96
N PHE B 244 0.92 -24.34 -0.88
CA PHE B 244 1.21 -23.02 -0.32
C PHE B 244 2.42 -22.38 -0.97
N LEU B 245 3.50 -23.15 -1.12
CA LEU B 245 4.71 -22.60 -1.75
C LEU B 245 4.47 -22.30 -3.22
N GLU B 246 3.68 -23.14 -3.90
CA GLU B 246 3.38 -22.88 -5.29
C GLU B 246 2.61 -21.56 -5.47
N VAL B 247 1.76 -21.22 -4.49
CA VAL B 247 0.94 -20.01 -4.56
C VAL B 247 1.68 -18.79 -4.02
N CYS B 248 2.46 -18.95 -2.96
CA CYS B 248 3.09 -17.83 -2.28
C CYS B 248 4.60 -17.95 -2.18
N GLY B 249 5.20 -18.95 -2.83
CA GLY B 249 6.64 -19.06 -2.79
C GLY B 249 7.33 -17.94 -3.55
N ASN B 250 6.74 -17.49 -4.65
CA ASN B 250 7.33 -16.42 -5.44
C ASN B 250 7.34 -15.11 -4.65
N ALA B 251 6.19 -14.74 -4.08
CA ALA B 251 6.11 -13.51 -3.30
C ALA B 251 6.98 -13.57 -2.06
N LEU B 252 7.23 -14.77 -1.52
CA LEU B 252 8.07 -14.92 -0.33
C LEU B 252 9.55 -14.87 -0.68
N MET B 253 9.91 -15.34 -1.88
CA MET B 253 11.31 -15.26 -2.31
C MET B 253 11.76 -13.83 -2.48
N LYS B 254 10.92 -12.98 -3.09
CA LYS B 254 11.30 -11.60 -3.35
C LYS B 254 11.48 -10.82 -2.05
N GLN B 255 10.59 -11.03 -1.09
CA GLN B 255 10.64 -10.25 0.15
C GLN B 255 11.82 -10.67 1.02
N TYR B 256 12.06 -11.98 1.13
CA TYR B 256 13.17 -12.54 1.90
C TYR B 256 14.08 -13.29 0.94
N GLN B 257 15.10 -12.61 0.43
CA GLN B 257 15.96 -13.18 -0.60
C GLN B 257 16.72 -14.39 -0.07
N VAL B 258 17.60 -14.18 0.90
CA VAL B 258 18.47 -15.26 1.37
C VAL B 258 17.79 -16.11 2.44
N GLN B 259 16.93 -15.52 3.28
CA GLN B 259 16.31 -16.27 4.35
C GLN B 259 15.32 -17.31 3.84
N PHE B 260 14.70 -17.06 2.69
CA PHE B 260 13.77 -18.03 2.15
C PHE B 260 14.48 -19.24 1.54
N TRP B 261 15.59 -19.01 0.84
CA TRP B 261 16.35 -20.12 0.27
C TRP B 261 16.97 -21.00 1.36
N LYS B 262 17.46 -20.39 2.44
CA LYS B 262 17.94 -21.19 3.56
C LYS B 262 16.85 -22.12 4.08
N MET B 263 15.62 -21.62 4.19
CA MET B 263 14.50 -22.44 4.60
C MET B 263 14.13 -23.50 3.56
N LEU B 264 14.48 -23.27 2.30
CA LEU B 264 14.17 -24.21 1.23
C LEU B 264 15.24 -25.28 1.03
N ILE B 265 16.52 -24.95 1.27
CA ILE B 265 17.59 -25.94 1.21
C ILE B 265 17.62 -26.73 2.51
N LEU B 266 16.65 -26.48 3.39
CA LEU B 266 16.51 -27.21 4.65
C LEU B 266 15.51 -28.35 4.57
N ILE B 267 14.34 -28.08 3.98
CA ILE B 267 13.31 -29.12 3.86
C ILE B 267 13.82 -30.30 3.05
N LYS B 268 14.68 -30.06 2.07
CA LYS B 268 15.19 -31.16 1.26
C LYS B 268 16.10 -32.07 2.08
N GLU B 269 16.88 -31.50 3.00
CA GLU B 269 17.83 -32.28 3.78
C GLU B 269 17.24 -32.83 5.07
N ASP B 270 16.38 -32.08 5.75
CA ASP B 270 15.90 -32.44 7.08
C ASP B 270 14.43 -32.82 7.12
N TYR B 271 13.54 -31.99 6.56
CA TYR B 271 12.11 -32.25 6.71
C TYR B 271 11.59 -33.29 5.72
N PHE B 272 12.24 -33.43 4.56
CA PHE B 272 11.79 -34.44 3.59
C PHE B 272 12.04 -35.86 4.10
N PRO B 273 13.23 -36.20 4.60
CA PRO B 273 13.39 -37.54 5.19
C PRO B 273 12.39 -37.83 6.29
N ARG B 274 11.96 -36.80 7.03
CA ARG B 274 10.97 -37.00 8.09
C ARG B 274 9.63 -37.48 7.54
N ILE B 275 9.25 -37.02 6.35
CA ILE B 275 7.93 -37.40 5.83
C ILE B 275 7.95 -38.83 5.30
N GLU B 276 9.11 -39.32 4.85
CA GLU B 276 9.20 -40.68 4.31
C GLU B 276 8.92 -41.71 5.39
N ALA B 277 9.31 -41.45 6.64
CA ALA B 277 9.14 -42.43 7.70
C ALA B 277 7.68 -42.57 8.11
N ILE B 278 6.92 -41.46 8.15
CA ILE B 278 5.58 -41.50 8.70
C ILE B 278 4.55 -42.04 7.70
N THR B 279 4.84 -41.97 6.40
CA THR B 279 3.88 -42.28 5.36
C THR B 279 4.21 -43.60 4.67
N SER B 280 3.22 -44.47 4.53
CA SER B 280 3.37 -45.69 3.77
C SER B 280 3.42 -45.38 2.28
N SER B 281 3.95 -46.33 1.50
CA SER B 281 4.06 -46.14 0.06
C SER B 281 2.70 -45.97 -0.62
N GLY B 282 1.60 -46.32 0.05
CA GLY B 282 0.29 -46.26 -0.57
C GLY B 282 -0.25 -44.85 -0.71
N GLN B 283 0.24 -43.90 0.06
CA GLN B 283 -0.27 -42.53 0.07
C GLN B 283 0.88 -41.52 0.03
N MET B 284 1.87 -41.77 -0.82
CA MET B 284 3.02 -40.89 -1.00
C MET B 284 2.75 -39.78 -2.01
N GLY B 285 1.53 -39.70 -2.54
CA GLY B 285 1.23 -38.72 -3.58
C GLY B 285 1.52 -37.29 -3.18
N SER B 286 1.40 -36.97 -1.88
CA SER B 286 1.70 -35.62 -1.44
C SER B 286 3.20 -35.35 -1.45
N PHE B 287 3.98 -36.23 -0.80
CA PHE B 287 5.41 -36.00 -0.69
C PHE B 287 6.13 -36.15 -2.03
N ILE B 288 5.60 -36.97 -2.94
CA ILE B 288 6.31 -37.21 -4.19
C ILE B 288 6.28 -35.97 -5.07
N ARG B 289 5.14 -35.29 -5.13
CA ARG B 289 5.02 -34.05 -5.90
C ARG B 289 5.59 -32.85 -5.16
N LEU B 290 5.73 -32.94 -3.83
CA LEU B 290 6.39 -31.88 -3.09
C LEU B 290 7.85 -31.72 -3.54
N LYS B 291 8.48 -32.80 -3.99
CA LYS B 291 9.86 -32.74 -4.48
C LYS B 291 9.93 -32.35 -5.96
N GLN B 292 9.04 -32.90 -6.80
CA GLN B 292 9.00 -32.50 -8.20
C GLN B 292 8.88 -30.99 -8.35
N PHE B 293 8.12 -30.36 -7.46
CA PHE B 293 7.97 -28.91 -7.50
C PHE B 293 9.28 -28.21 -7.15
N LEU B 294 10.05 -28.78 -6.21
CA LEU B 294 11.27 -28.12 -5.74
C LEU B 294 12.43 -28.31 -6.72
N GLU B 295 12.75 -29.57 -7.07
CA GLU B 295 13.90 -29.89 -7.90
C GLU B 295 14.03 -28.94 -9.09
N LYS B 296 12.90 -28.62 -9.74
CA LYS B 296 12.93 -27.55 -10.74
C LYS B 296 13.35 -26.23 -10.10
N CYS B 297 12.62 -25.80 -9.06
CA CYS B 297 12.88 -24.50 -8.45
C CYS B 297 14.29 -24.42 -7.88
N LEU B 298 14.80 -25.52 -7.31
CA LEU B 298 16.11 -25.48 -6.67
C LEU B 298 17.21 -25.22 -7.69
N GLN B 299 17.18 -25.94 -8.82
CA GLN B 299 18.18 -25.70 -9.86
C GLN B 299 17.86 -24.46 -10.68
N HIS B 300 16.58 -24.13 -10.83
CA HIS B 300 16.20 -22.90 -11.52
C HIS B 300 16.44 -21.67 -10.63
N LYS B 301 16.56 -21.86 -9.32
CA LYS B 301 16.74 -20.74 -8.38
C LYS B 301 15.60 -19.72 -8.48
N ASP B 302 14.42 -20.20 -8.89
CA ASP B 302 13.25 -19.33 -9.04
C ASP B 302 12.00 -20.18 -8.90
N ILE B 303 10.98 -19.61 -8.30
CA ILE B 303 9.69 -20.26 -8.12
C ILE B 303 8.72 -19.70 -9.16
N PRO B 304 8.13 -20.54 -10.02
CA PRO B 304 7.22 -20.00 -11.04
C PRO B 304 6.11 -19.18 -10.41
N VAL B 305 5.64 -18.18 -11.16
CA VAL B 305 4.47 -17.43 -10.71
C VAL B 305 3.29 -18.39 -10.64
N PRO B 306 2.42 -18.30 -9.62
CA PRO B 306 1.29 -19.23 -9.54
C PRO B 306 0.44 -19.16 -10.80
N LYS B 307 0.13 -20.32 -11.36
CA LYS B 307 -0.73 -20.39 -12.54
C LYS B 307 -2.13 -19.89 -12.18
N GLY B 308 -2.54 -18.79 -12.81
CA GLY B 308 -3.76 -18.10 -12.49
C GLY B 308 -3.56 -16.73 -11.88
N PHE B 309 -2.31 -16.33 -11.65
CA PHE B 309 -2.00 -15.02 -11.10
C PHE B 309 -2.60 -13.91 -11.98
N LEU B 310 -3.07 -12.85 -11.32
CA LEU B 310 -3.65 -11.73 -12.04
C LEU B 310 -2.55 -10.84 -12.62
N THR B 311 -2.71 -10.50 -13.90
CA THR B 311 -1.80 -9.62 -14.62
C THR B 311 -2.53 -8.33 -14.98
N SER B 312 -1.80 -7.39 -15.58
CA SER B 312 -2.43 -6.15 -16.01
C SER B 312 -3.43 -6.40 -17.13
N SER B 313 -3.12 -7.33 -18.03
CA SER B 313 -4.06 -7.70 -19.09
C SER B 313 -5.42 -8.08 -18.50
N PHE B 314 -5.42 -8.64 -17.28
CA PHE B 314 -6.68 -9.01 -16.64
C PHE B 314 -7.49 -7.78 -16.26
N TRP B 315 -6.84 -6.71 -15.81
CA TRP B 315 -7.56 -5.55 -15.31
C TRP B 315 -8.14 -4.68 -16.40
N ARG B 316 -7.71 -4.84 -17.65
CA ARG B 316 -8.27 -4.11 -18.79
C ARG B 316 -9.28 -4.92 -19.58
N SER B 317 -9.06 -6.23 -19.70
CA SER B 317 -9.97 -7.10 -20.45
C SER B 317 -9.89 -8.53 -19.93
N ILE C 6 19.84 6.26 2.31
CA ILE C 6 18.62 7.06 2.23
C ILE C 6 18.49 7.95 3.47
N ILE C 7 17.90 9.13 3.27
CA ILE C 7 17.84 10.15 4.31
C ILE C 7 16.65 9.87 5.21
N ALA C 8 16.76 10.28 6.47
CA ALA C 8 15.70 10.03 7.42
C ALA C 8 14.48 10.86 7.08
N THR C 9 13.33 10.19 6.96
CA THR C 9 12.05 10.85 6.78
C THR C 9 10.99 10.08 7.55
N ASP C 10 10.13 10.79 8.27
CA ASP C 10 9.09 10.17 9.08
C ASP C 10 7.78 10.12 8.30
N ASN C 11 7.12 8.95 8.32
CA ASN C 11 5.92 8.70 7.49
C ASN C 11 4.83 7.99 8.32
N VAL C 12 4.21 8.73 9.24
CA VAL C 12 3.10 8.21 10.05
C VAL C 12 1.85 8.96 9.63
N LEU C 13 0.78 8.22 9.30
CA LEU C 13 -0.46 8.86 8.89
C LEU C 13 -1.16 9.52 10.08
N PHE C 14 -1.34 8.76 11.16
CA PHE C 14 -1.94 9.28 12.39
C PHE C 14 -0.93 9.09 13.51
N THR C 15 -0.58 10.16 14.19
CA THR C 15 0.33 10.02 15.30
C THR C 15 -0.42 9.41 16.49
N PRO C 16 0.22 8.52 17.26
CA PRO C 16 -0.47 7.94 18.42
C PRO C 16 -0.86 9.02 19.41
N ARG C 17 -1.92 8.74 20.19
CA ARG C 17 -2.34 9.69 21.21
C ARG C 17 -1.22 9.91 22.21
N ASP C 18 -0.54 8.82 22.60
CA ASP C 18 0.63 8.91 23.44
C ASP C 18 1.79 9.45 22.60
N LYS C 19 2.94 9.69 23.24
CA LYS C 19 4.11 10.22 22.56
C LYS C 19 3.86 11.63 22.00
N LEU C 20 2.65 12.15 22.17
CA LEU C 20 2.24 13.43 21.65
C LEU C 20 2.23 14.45 22.78
N THR C 21 2.57 15.71 22.46
CA THR C 21 2.65 16.71 23.52
C THR C 21 1.26 17.19 23.89
N VAL C 22 1.13 17.65 25.14
CA VAL C 22 -0.17 18.10 25.65
C VAL C 22 -0.63 19.35 24.90
N GLU C 23 0.32 20.17 24.44
CA GLU C 23 -0.03 21.27 23.56
C GLU C 23 -0.84 20.77 22.38
N GLU C 24 -0.22 19.88 21.58
CA GLU C 24 -0.87 19.39 20.39
C GLU C 24 -2.15 18.61 20.72
N LEU C 25 -2.18 17.92 21.87
CA LEU C 25 -3.39 17.19 22.25
C LEU C 25 -4.55 18.14 22.47
N GLU C 26 -4.32 19.23 23.19
CA GLU C 26 -5.40 20.17 23.50
C GLU C 26 -5.81 21.00 22.29
N GLN C 27 -4.92 21.18 21.31
CA GLN C 27 -5.33 21.83 20.07
C GLN C 27 -6.30 20.93 19.30
N PHE C 28 -5.98 19.64 19.19
CA PHE C 28 -6.85 18.71 18.48
C PHE C 28 -8.20 18.55 19.17
N GLN C 29 -8.23 18.63 20.50
CA GLN C 29 -9.46 18.41 21.26
C GLN C 29 -10.37 19.63 21.30
N SER C 30 -9.89 20.80 20.87
CA SER C 30 -10.70 22.00 20.89
C SER C 30 -11.63 22.04 19.70
N LYS C 31 -12.78 22.70 19.87
CA LYS C 31 -13.71 22.89 18.77
C LYS C 31 -13.15 23.85 17.72
N LYS C 32 -12.19 24.69 18.10
CA LYS C 32 -11.52 25.59 17.16
C LYS C 32 -10.03 25.57 17.43
N PHE C 33 -9.25 25.68 16.36
CA PHE C 33 -7.80 25.78 16.50
C PHE C 33 -7.41 27.18 16.95
N THR C 34 -6.14 27.34 17.26
CA THR C 34 -5.55 28.63 17.63
C THR C 34 -4.54 29.03 16.57
N LEU C 35 -4.70 30.24 16.03
CA LEU C 35 -3.81 30.71 14.99
C LEU C 35 -2.36 30.63 15.45
N GLY C 36 -1.47 30.23 14.55
CA GLY C 36 -0.06 30.16 14.81
C GLY C 36 0.41 29.00 15.66
N LYS C 37 -0.49 28.07 16.04
CA LYS C 37 -0.10 26.91 16.84
C LYS C 37 -0.76 25.63 16.35
N ILE C 38 -1.06 25.54 15.06
CA ILE C 38 -1.55 24.26 14.53
C ILE C 38 -0.45 23.20 14.71
N PRO C 39 -0.76 22.03 15.23
CA PRO C 39 0.28 21.01 15.41
C PRO C 39 0.84 20.53 14.08
N LEU C 40 2.16 20.34 14.03
CA LEU C 40 2.80 19.86 12.82
C LEU C 40 2.53 18.37 12.61
N LYS C 41 2.60 17.59 13.68
CA LYS C 41 2.27 16.18 13.58
C LYS C 41 0.81 16.00 13.20
N PRO C 42 0.47 14.93 12.48
CA PRO C 42 -0.93 14.69 12.11
C PRO C 42 -1.76 14.39 13.33
N PRO C 43 -3.09 14.51 13.25
CA PRO C 43 -3.94 14.25 14.40
C PRO C 43 -3.93 12.77 14.74
N PRO C 44 -4.47 12.40 15.90
CA PRO C 44 -4.52 10.99 16.28
C PRO C 44 -5.84 10.35 15.86
N LEU C 45 -5.90 9.03 16.01
CA LEU C 45 -7.04 8.27 15.54
C LEU C 45 -8.28 8.51 16.38
N GLU C 46 -8.11 8.89 17.65
CA GLU C 46 -9.26 9.00 18.56
C GLU C 46 -10.12 10.22 18.27
N LEU C 47 -9.56 11.28 17.70
CA LEU C 47 -10.27 12.56 17.63
C LEU C 47 -10.71 12.91 16.20
N LEU C 48 -10.82 11.93 15.33
CA LEU C 48 -11.33 12.14 13.97
C LEU C 48 -12.85 12.10 13.88
N ASN C 49 -13.55 11.89 15.00
CA ASN C 49 -15.00 11.85 15.05
C ASN C 49 -15.61 13.02 15.82
N VAL C 50 -14.77 13.96 16.27
CA VAL C 50 -15.22 15.09 17.08
C VAL C 50 -16.36 15.86 16.44
N ILE D 6 -11.56 -4.69 17.95
CA ILE D 6 -10.87 -5.53 16.99
C ILE D 6 -9.71 -6.23 17.69
N ILE D 7 -9.40 -7.44 17.24
CA ILE D 7 -8.48 -8.33 17.95
C ILE D 7 -7.04 -8.00 17.60
N ALA D 8 -6.13 -8.29 18.53
CA ALA D 8 -4.72 -7.99 18.36
C ALA D 8 -4.09 -8.87 17.29
N THR D 9 -3.42 -8.24 16.33
CA THR D 9 -2.68 -8.91 15.27
C THR D 9 -1.40 -8.14 15.01
N ASP D 10 -0.34 -8.86 14.65
CA ASP D 10 0.98 -8.27 14.41
C ASP D 10 1.12 -7.82 12.97
N ASN D 11 1.72 -6.63 12.78
CA ASN D 11 1.78 -5.97 11.47
C ASN D 11 3.20 -5.54 11.11
N VAL D 12 4.21 -6.35 11.41
CA VAL D 12 5.59 -6.00 11.08
C VAL D 12 6.07 -6.91 9.97
N LEU D 13 6.53 -6.30 8.88
CA LEU D 13 7.08 -7.07 7.77
C LEU D 13 8.47 -7.60 8.14
N PHE D 14 9.32 -6.73 8.66
CA PHE D 14 10.64 -7.08 9.16
C PHE D 14 10.71 -6.64 10.61
N THR D 15 11.05 -7.58 11.50
CA THR D 15 11.18 -7.25 12.91
C THR D 15 12.49 -6.51 13.16
N PRO D 16 12.49 -5.53 14.06
CA PRO D 16 13.75 -4.81 14.37
C PRO D 16 14.81 -5.73 14.95
N ARG D 17 16.07 -5.35 14.71
CA ARG D 17 17.21 -6.12 15.21
C ARG D 17 17.26 -6.16 16.74
N ASP D 18 16.95 -5.03 17.40
CA ASP D 18 17.10 -4.95 18.84
C ASP D 18 16.08 -5.80 19.59
N LYS D 19 14.80 -5.73 19.18
CA LYS D 19 13.75 -6.45 19.90
C LYS D 19 13.86 -7.97 19.75
N LEU D 20 14.83 -8.48 19.01
CA LEU D 20 14.91 -9.89 18.68
C LEU D 20 15.93 -10.58 19.60
N THR D 21 15.63 -11.81 19.99
CA THR D 21 16.40 -12.55 20.99
C THR D 21 17.69 -13.11 20.40
N VAL D 22 18.67 -13.33 21.28
CA VAL D 22 19.99 -13.77 20.83
C VAL D 22 19.90 -15.15 20.20
N GLU D 23 18.98 -16.01 20.66
CA GLU D 23 18.73 -17.27 19.98
C GLU D 23 18.40 -17.05 18.51
N GLU D 24 17.27 -16.37 18.26
CA GLU D 24 16.82 -16.15 16.88
C GLU D 24 17.81 -15.30 16.10
N LEU D 25 18.54 -14.41 16.79
CA LEU D 25 19.52 -13.57 16.11
C LEU D 25 20.59 -14.41 15.43
N GLU D 26 21.10 -15.43 16.13
CA GLU D 26 22.12 -16.30 15.55
C GLU D 26 21.55 -17.24 14.49
N GLN D 27 20.25 -17.53 14.56
CA GLN D 27 19.61 -18.35 13.53
C GLN D 27 19.60 -17.62 12.19
N PHE D 28 19.22 -16.33 12.21
CA PHE D 28 19.19 -15.55 10.97
C PHE D 28 20.58 -15.39 10.37
N GLN D 29 21.61 -15.27 11.22
CA GLN D 29 22.97 -15.00 10.76
C GLN D 29 23.69 -16.25 10.28
N SER D 30 23.14 -17.44 10.50
CA SER D 30 23.82 -18.67 10.10
C SER D 30 23.63 -18.94 8.62
N LYS D 31 24.63 -19.59 8.02
CA LYS D 31 24.53 -20.00 6.62
C LYS D 31 23.53 -21.13 6.42
N LYS D 32 23.21 -21.87 7.47
CA LYS D 32 22.21 -22.93 7.43
C LYS D 32 21.32 -22.82 8.65
N PHE D 33 20.04 -23.17 8.47
CA PHE D 33 19.08 -23.15 9.55
C PHE D 33 19.27 -24.36 10.47
N THR D 34 18.54 -24.33 11.58
CA THR D 34 18.47 -25.43 12.53
C THR D 34 17.04 -25.95 12.57
N LEU D 35 16.87 -27.24 12.32
CA LEU D 35 15.53 -27.83 12.33
C LEU D 35 14.88 -27.63 13.70
N GLY D 36 13.59 -27.31 13.69
CA GLY D 36 12.86 -27.17 14.94
C GLY D 36 13.16 -25.92 15.70
N LYS D 37 13.99 -25.01 15.14
CA LYS D 37 14.36 -23.78 15.81
C LYS D 37 14.29 -22.58 14.87
N ILE D 38 13.51 -22.68 13.80
CA ILE D 38 13.32 -21.55 12.89
C ILE D 38 12.56 -20.44 13.63
N PRO D 39 13.01 -19.20 13.58
CA PRO D 39 12.28 -18.12 14.25
C PRO D 39 10.91 -17.88 13.61
N LEU D 40 9.91 -17.65 14.47
CA LEU D 40 8.57 -17.36 13.96
C LEU D 40 8.48 -15.93 13.43
N LYS D 41 9.10 -14.98 14.13
CA LYS D 41 9.12 -13.61 13.67
C LYS D 41 9.85 -13.52 12.34
N PRO D 42 9.49 -12.58 11.48
CA PRO D 42 10.20 -12.43 10.19
C PRO D 42 11.62 -11.94 10.43
N PRO D 43 12.51 -12.14 9.46
CA PRO D 43 13.89 -11.68 9.63
C PRO D 43 13.97 -10.16 9.65
N PRO D 44 15.10 -9.58 10.04
CA PRO D 44 15.24 -8.13 10.05
C PRO D 44 15.87 -7.64 8.75
N LEU D 45 15.92 -6.31 8.62
CA LEU D 45 16.38 -5.71 7.38
C LEU D 45 17.87 -5.93 7.14
N GLU D 46 18.66 -6.09 8.19
CA GLU D 46 20.11 -6.20 8.04
C GLU D 46 20.53 -7.52 7.41
N LEU D 47 19.69 -8.55 7.56
CA LEU D 47 20.03 -9.93 7.23
C LEU D 47 19.30 -10.46 6.00
N LEU D 48 18.87 -9.59 5.09
CA LEU D 48 18.20 -10.11 3.90
C LEU D 48 19.16 -10.58 2.82
N ASN D 49 20.47 -10.39 2.99
CA ASN D 49 21.46 -10.99 2.11
C ASN D 49 22.46 -11.88 2.85
N VAL D 50 22.34 -12.01 4.17
CA VAL D 50 23.28 -12.79 4.96
C VAL D 50 23.38 -14.26 4.49
#